data_8EIR
#
_entry.id   8EIR
#
_cell.length_a   1.00
_cell.length_b   1.00
_cell.length_c   1.00
_cell.angle_alpha   90.00
_cell.angle_beta   90.00
_cell.angle_gamma   90.00
#
_symmetry.space_group_name_H-M   'P 1'
#
loop_
_entity.id
_entity.type
_entity.pdbx_description
1 polymer '3C-like proteinase nsp5'
2 polymer 'nsp7-nsp10 of Replicase polyprotein 1a'
#
loop_
_entity_poly.entity_id
_entity_poly.type
_entity_poly.pdbx_seq_one_letter_code
_entity_poly.pdbx_strand_id
1 'polypeptide(L)'
;SGFRKMAFPSGKVEGCMVQVTCGTTTLNGLWLDDVVYCPRHVICTSEDMLNPNYEDLLIRKSNHNFLVQAGNVQLRVIGH
SMQNCVLKLKVDTANPKTPKYKFVRIQPGQTFSVLACYNGSPSGVYQCAMRPNFTIKGSFLNGSAGSVGFNIDYDCVSFC
YMHHMELPTGVHAGTDLEGNFYGPFVDRQTAQAAGTDTTITVNVLAWLYAAVINGDRWFLNRFTTTLNDFNLVAMKYNYE
PLTQDHVDILGPLSAQTGIAVLDMCASLKELLQNGMNGRTILGSALLEDEFTPFDVVRQCSGVTFQ
;
A,B
2 'polypeptide(L)'
;SKMSDVKCTSVVLLSVLQQLRVESSSKLWAQCVQLHNDILLAKDTTEAFEKMVSLLSVLLSMQGAVDINKLCEEMLDNRA
TLQAIASEFSSLPSYAAFATAQEAYEQAVANGDSEVVLKKLKKSLNVAKSEFDRDAAMQRKLEKMADQAMTQMYKQARSE
DKRAKVTSAMQTMLFTMLRKLDNDALNNIINNARDGCVPLNIIPLTTAAKLMVVIPDYNTYKNTCDGTTFTYASALWEIQ
QVVDADSKIVQLSEISMDNSPNLAWPLIVTALRANSAVKLQNNELSPVALRQMSCAAGTTQTACTDDNALAYYNTTKGGR
FVLALLSDLQDLKWARFPKSDGTGTIYTELEPPCRFVTDTPKGPKVKYLYFIKGLNNLNRGMVLGSLAATVRLQAGNATE
VPANSTVLSFCAFAVDAAKAYKDYLASGGQPITNCVKMLCTHTGTGQAITVTPEANMDQESFGGASCCLYCRCHIDHPNP
KGFCDLKGKYVQIPTTCANDPVGFTLKNTVCTVCGMWKGYGCSCDQLREPMLQ
;
C,D
#
# COMPACT_ATOMS: atom_id res chain seq x y z
N SER A 1 10.94 14.33 -3.41
CA SER A 1 11.37 12.97 -3.09
C SER A 1 10.30 11.96 -3.49
N GLY A 2 9.13 12.46 -3.87
CA GLY A 2 7.97 11.62 -4.07
C GLY A 2 7.04 11.58 -2.87
N PHE A 3 5.80 11.15 -3.15
CA PHE A 3 4.73 11.04 -2.17
C PHE A 3 3.83 9.89 -2.60
N ARG A 4 3.68 8.89 -1.74
CA ARG A 4 2.90 7.71 -2.07
C ARG A 4 2.04 7.32 -0.87
N LYS A 5 0.94 6.61 -1.15
CA LYS A 5 0.14 6.02 -0.07
C LYS A 5 0.86 4.81 0.52
N MET A 6 1.35 4.95 1.75
CA MET A 6 2.26 3.99 2.37
C MET A 6 1.56 3.30 3.52
N ALA A 7 1.65 1.97 3.56
CA ALA A 7 1.14 1.17 4.67
C ALA A 7 2.27 0.86 5.64
N PHE A 8 1.91 0.56 6.89
CA PHE A 8 2.91 0.10 7.83
C PHE A 8 3.47 -1.26 7.42
N PRO A 9 4.76 -1.48 7.67
CA PRO A 9 5.33 -2.83 7.51
C PRO A 9 4.61 -3.86 8.37
N SER A 10 4.32 -5.01 7.75
CA SER A 10 3.49 -6.03 8.35
C SER A 10 4.42 -7.14 8.84
N GLY A 11 3.85 -8.29 9.18
CA GLY A 11 4.61 -9.38 9.76
C GLY A 11 4.36 -9.60 11.23
N LYS A 12 4.37 -8.54 12.04
CA LYS A 12 4.10 -8.75 13.45
C LYS A 12 2.69 -9.27 13.66
N VAL A 13 1.74 -8.82 12.84
CA VAL A 13 0.36 -9.24 12.94
C VAL A 13 0.10 -10.54 12.17
N GLU A 14 0.77 -10.75 11.03
CA GLU A 14 0.49 -11.94 10.22
C GLU A 14 0.72 -13.21 11.02
N GLY A 15 1.72 -13.21 11.90
CA GLY A 15 1.96 -14.38 12.71
C GLY A 15 0.87 -14.67 13.71
N CYS A 16 -0.14 -13.80 13.79
CA CYS A 16 -1.25 -13.90 14.73
C CYS A 16 -2.56 -14.33 14.09
N MET A 17 -2.59 -14.50 12.77
CA MET A 17 -3.84 -14.73 12.06
C MET A 17 -4.11 -16.23 12.00
N VAL A 18 -5.34 -16.64 12.28
CA VAL A 18 -5.72 -18.05 12.21
C VAL A 18 -7.04 -18.21 11.49
N GLN A 19 -7.37 -19.46 11.17
CA GLN A 19 -8.65 -19.84 10.60
C GLN A 19 -9.53 -20.44 11.68
N VAL A 20 -10.79 -19.99 11.72
CA VAL A 20 -11.79 -20.54 12.63
C VAL A 20 -12.95 -21.10 11.80
N THR A 21 -13.30 -22.35 12.05
CA THR A 21 -14.38 -23.01 11.33
C THR A 21 -15.39 -23.56 12.32
N CYS A 22 -16.67 -23.24 12.10
CA CYS A 22 -17.79 -23.73 12.91
C CYS A 22 -18.78 -24.36 11.94
N GLY A 23 -18.70 -25.67 11.77
CA GLY A 23 -19.53 -26.35 10.80
C GLY A 23 -19.10 -25.99 9.40
N THR A 24 -19.97 -25.34 8.63
CA THR A 24 -19.65 -24.98 7.26
C THR A 24 -19.15 -23.54 7.13
N THR A 25 -19.30 -22.74 8.18
CA THR A 25 -18.92 -21.33 8.17
C THR A 25 -17.46 -21.18 8.54
N THR A 26 -16.73 -20.38 7.77
CA THR A 26 -15.31 -20.18 8.01
C THR A 26 -14.96 -18.71 7.90
N LEU A 27 -14.10 -18.24 8.79
CA LEU A 27 -13.61 -16.86 8.78
C LEU A 27 -12.26 -16.82 9.47
N ASN A 28 -11.77 -15.61 9.73
CA ASN A 28 -10.46 -15.36 10.30
C ASN A 28 -10.53 -15.03 11.79
N GLY A 29 -9.47 -15.38 12.52
CA GLY A 29 -9.34 -15.00 13.90
C GLY A 29 -7.97 -14.43 14.20
N LEU A 30 -7.88 -13.74 15.34
CA LEU A 30 -6.66 -13.10 15.81
C LEU A 30 -6.19 -13.78 17.09
N TRP A 31 -5.03 -14.45 17.02
CA TRP A 31 -4.49 -15.26 18.11
C TRP A 31 -3.47 -14.47 18.93
N LEU A 32 -3.85 -14.03 20.12
CA LEU A 32 -2.96 -13.31 21.02
C LEU A 32 -2.87 -14.03 22.35
N ASP A 33 -1.65 -14.37 22.78
CA ASP A 33 -1.45 -15.18 23.97
C ASP A 33 -2.26 -16.47 23.84
N ASP A 34 -3.16 -16.73 24.79
CA ASP A 34 -3.94 -17.96 24.76
C ASP A 34 -5.41 -17.69 24.44
N VAL A 35 -5.70 -16.59 23.75
CA VAL A 35 -7.07 -16.23 23.38
C VAL A 35 -7.11 -15.95 21.88
N VAL A 36 -8.16 -16.43 21.22
CA VAL A 36 -8.46 -16.12 19.82
C VAL A 36 -9.73 -15.28 19.74
N TYR A 37 -9.65 -14.13 19.07
CA TYR A 37 -10.76 -13.20 18.90
C TYR A 37 -11.33 -13.36 17.50
N CYS A 38 -12.65 -13.49 17.38
CA CYS A 38 -13.26 -13.57 16.06
C CYS A 38 -14.69 -13.06 16.10
N PRO A 39 -15.26 -12.70 14.94
CA PRO A 39 -16.66 -12.26 14.90
C PRO A 39 -17.64 -13.33 15.34
N ARG A 40 -18.65 -12.91 16.13
CA ARG A 40 -19.58 -13.89 16.70
C ARG A 40 -20.53 -14.49 15.68
N HIS A 41 -20.68 -13.88 14.50
CA HIS A 41 -21.57 -14.47 13.51
C HIS A 41 -21.03 -15.78 12.92
N VAL A 42 -19.84 -16.23 13.32
CA VAL A 42 -19.34 -17.53 12.88
C VAL A 42 -20.24 -18.67 13.36
N ILE A 43 -21.00 -18.48 14.45
CA ILE A 43 -21.83 -19.56 14.97
C ILE A 43 -23.21 -19.62 14.32
N CYS A 44 -23.47 -18.77 13.33
CA CYS A 44 -24.74 -18.74 12.61
C CYS A 44 -24.64 -19.56 11.33
N THR A 45 -25.77 -20.08 10.89
CA THR A 45 -25.91 -20.61 9.54
C THR A 45 -26.52 -19.57 8.58
N SER A 46 -26.79 -20.01 7.35
CA SER A 46 -27.29 -19.10 6.32
C SER A 46 -28.73 -18.66 6.59
N GLU A 47 -29.53 -19.51 7.24
CA GLU A 47 -30.89 -19.11 7.58
C GLU A 47 -30.89 -18.14 8.75
N ASP A 48 -29.93 -18.31 9.66
CA ASP A 48 -29.82 -17.50 10.85
C ASP A 48 -29.52 -16.04 10.54
N MET A 49 -29.03 -15.74 9.33
CA MET A 49 -28.56 -14.38 9.04
C MET A 49 -29.65 -13.34 9.09
N LEU A 50 -30.89 -13.72 8.83
CA LEU A 50 -31.98 -12.74 8.83
C LEU A 50 -32.19 -12.13 10.21
N ASN A 51 -32.34 -12.98 11.23
CA ASN A 51 -32.58 -12.51 12.60
C ASN A 51 -31.98 -13.51 13.58
N PRO A 52 -30.65 -13.47 13.78
CA PRO A 52 -30.02 -14.46 14.67
C PRO A 52 -30.13 -14.05 16.14
N ASN A 53 -30.65 -14.97 16.96
CA ASN A 53 -30.66 -14.82 18.41
C ASN A 53 -29.36 -15.44 18.91
N TYR A 54 -28.34 -14.61 19.10
CA TYR A 54 -26.99 -15.12 19.33
C TYR A 54 -26.86 -15.87 20.65
N GLU A 55 -27.58 -15.44 21.69
CA GLU A 55 -27.52 -16.14 22.97
C GLU A 55 -27.99 -17.58 22.85
N ASP A 56 -29.13 -17.80 22.18
CA ASP A 56 -29.63 -19.16 22.06
C ASP A 56 -28.66 -20.03 21.27
N LEU A 57 -28.10 -19.49 20.19
CA LEU A 57 -27.23 -20.30 19.34
C LEU A 57 -25.92 -20.61 20.05
N LEU A 58 -25.42 -19.68 20.88
CA LEU A 58 -24.16 -19.91 21.56
C LEU A 58 -24.32 -20.84 22.75
N ILE A 59 -25.50 -20.86 23.37
CA ILE A 59 -25.73 -21.81 24.46
C ILE A 59 -25.62 -23.24 23.97
N ARG A 60 -25.99 -23.50 22.72
CA ARG A 60 -25.96 -24.85 22.14
C ARG A 60 -24.59 -25.29 21.63
N LYS A 61 -23.56 -24.45 21.71
CA LYS A 61 -22.24 -24.81 21.19
C LYS A 61 -21.32 -25.25 22.32
N SER A 62 -20.64 -26.37 22.10
CA SER A 62 -19.57 -26.86 22.97
C SER A 62 -18.20 -26.54 22.37
N ASN A 63 -17.19 -26.54 23.23
CA ASN A 63 -15.79 -26.30 22.85
C ASN A 63 -15.36 -27.07 21.61
N HIS A 64 -15.82 -28.32 21.44
CA HIS A 64 -15.34 -29.14 20.34
C HIS A 64 -15.93 -28.73 19.00
N ASN A 65 -17.00 -27.96 18.99
CA ASN A 65 -17.59 -27.46 17.76
C ASN A 65 -16.73 -26.43 17.04
N PHE A 66 -15.68 -25.91 17.68
CA PHE A 66 -14.83 -24.89 17.10
C PHE A 66 -13.51 -25.50 16.61
N LEU A 67 -13.29 -25.44 15.31
CA LEU A 67 -12.07 -25.95 14.70
C LEU A 67 -11.16 -24.76 14.42
N VAL A 68 -10.05 -24.66 15.15
CA VAL A 68 -9.09 -23.57 15.01
C VAL A 68 -7.80 -24.14 14.45
N GLN A 69 -7.33 -23.58 13.35
CA GLN A 69 -6.14 -24.06 12.66
C GLN A 69 -5.17 -22.90 12.45
N ALA A 70 -3.93 -23.09 12.86
CA ALA A 70 -2.86 -22.13 12.60
C ALA A 70 -1.92 -22.80 11.60
N GLY A 71 -2.15 -22.54 10.31
CA GLY A 71 -1.43 -23.25 9.28
C GLY A 71 -1.74 -24.73 9.37
N ASN A 72 -0.76 -25.51 9.81
CA ASN A 72 -0.94 -26.94 9.98
C ASN A 72 -1.32 -27.32 11.41
N VAL A 73 -0.89 -26.54 12.40
CA VAL A 73 -1.11 -26.86 13.81
C VAL A 73 -2.58 -26.63 14.16
N GLN A 74 -3.25 -27.71 14.58
CA GLN A 74 -4.54 -27.60 15.24
C GLN A 74 -4.42 -27.23 16.71
N LEU A 75 -5.25 -26.28 17.15
CA LEU A 75 -5.25 -25.77 18.52
C LEU A 75 -6.51 -26.24 19.22
N ARG A 76 -6.38 -26.74 20.44
CA ARG A 76 -7.51 -27.24 21.22
C ARG A 76 -8.18 -26.08 21.96
N VAL A 77 -9.47 -25.90 21.73
CA VAL A 77 -10.25 -24.88 22.44
C VAL A 77 -10.73 -25.43 23.77
N ILE A 78 -10.51 -24.68 24.84
CA ILE A 78 -10.85 -25.13 26.18
C ILE A 78 -11.79 -24.16 26.89
N GLY A 79 -12.34 -23.19 26.18
CA GLY A 79 -13.30 -22.27 26.77
C GLY A 79 -13.69 -21.21 25.75
N HIS A 80 -14.85 -20.62 25.98
CA HIS A 80 -15.36 -19.59 25.08
C HIS A 80 -16.32 -18.67 25.83
N SER A 81 -16.24 -17.38 25.52
CA SER A 81 -17.20 -16.41 26.01
C SER A 81 -17.45 -15.37 24.93
N MET A 82 -18.57 -14.66 25.06
CA MET A 82 -18.94 -13.59 24.15
C MET A 82 -18.84 -12.22 24.84
N GLN A 83 -18.11 -11.30 24.21
CA GLN A 83 -18.06 -9.90 24.62
C GLN A 83 -18.64 -9.05 23.50
N ASN A 84 -19.81 -8.45 23.73
CA ASN A 84 -20.52 -7.69 22.71
C ASN A 84 -20.64 -8.50 21.42
N CYS A 85 -20.06 -7.99 20.34
CA CYS A 85 -20.15 -8.62 19.03
C CYS A 85 -18.94 -9.47 18.68
N VAL A 86 -18.05 -9.75 19.62
CA VAL A 86 -16.88 -10.57 19.37
C VAL A 86 -16.93 -11.83 20.24
N LEU A 87 -16.47 -12.94 19.68
CA LEU A 87 -16.22 -14.18 20.40
C LEU A 87 -14.80 -14.21 20.92
N LYS A 88 -14.61 -14.82 22.09
CA LYS A 88 -13.27 -15.06 22.65
C LYS A 88 -13.12 -16.54 22.94
N LEU A 89 -12.23 -17.20 22.22
CA LEU A 89 -11.94 -18.63 22.37
C LEU A 89 -10.64 -18.79 23.14
N LYS A 90 -10.74 -19.33 24.35
CA LYS A 90 -9.55 -19.71 25.11
C LYS A 90 -8.93 -20.98 24.54
N VAL A 91 -7.66 -20.92 24.21
CA VAL A 91 -6.95 -22.09 23.67
C VAL A 91 -5.83 -22.47 24.63
N ASP A 92 -5.32 -23.69 24.46
CA ASP A 92 -4.43 -24.29 25.44
C ASP A 92 -2.94 -24.03 25.17
N THR A 93 -2.59 -23.26 24.15
CA THR A 93 -1.20 -22.84 23.96
C THR A 93 -1.15 -21.35 23.66
N ALA A 94 -0.19 -20.68 24.30
CA ALA A 94 0.07 -19.27 24.04
C ALA A 94 0.88 -19.08 22.78
N ASN A 95 0.55 -18.03 22.02
CA ASN A 95 1.22 -17.77 20.76
C ASN A 95 2.64 -17.30 21.04
N PRO A 96 3.68 -18.01 20.57
CA PRO A 96 5.05 -17.55 20.83
C PRO A 96 5.43 -16.28 20.09
N LYS A 97 4.74 -15.93 19.00
CA LYS A 97 5.05 -14.75 18.22
C LYS A 97 4.19 -13.54 18.58
N THR A 98 3.51 -13.59 19.73
CA THR A 98 2.66 -12.49 20.18
C THR A 98 3.50 -11.22 20.36
N PRO A 99 3.13 -10.12 19.71
CA PRO A 99 3.86 -8.87 19.90
C PRO A 99 3.35 -8.07 21.09
N LYS A 100 4.07 -7.00 21.40
CA LYS A 100 3.56 -5.97 22.29
C LYS A 100 2.38 -5.28 21.60
N TYR A 101 1.28 -5.09 22.31
CA TYR A 101 0.07 -4.64 21.64
C TYR A 101 -0.82 -3.84 22.58
N LYS A 102 -1.65 -3.00 21.98
CA LYS A 102 -2.70 -2.23 22.64
C LYS A 102 -3.99 -2.32 21.84
N PHE A 103 -5.13 -2.18 22.52
CA PHE A 103 -6.41 -1.94 21.87
C PHE A 103 -6.80 -0.46 21.96
N VAL A 104 -7.10 0.15 20.81
CA VAL A 104 -7.53 1.54 20.75
C VAL A 104 -8.79 1.67 19.89
N ARG A 105 -9.61 2.68 20.21
CA ARG A 105 -10.76 3.09 19.40
C ARG A 105 -10.44 4.41 18.71
N ILE A 106 -10.36 4.41 17.38
CA ILE A 106 -9.97 5.62 16.66
C ILE A 106 -11.18 6.52 16.43
N GLN A 107 -10.90 7.81 16.17
CA GLN A 107 -11.78 8.91 15.81
C GLN A 107 -11.92 9.00 14.29
N PRO A 108 -13.06 9.47 13.80
CA PRO A 108 -13.17 9.75 12.35
C PRO A 108 -12.09 10.71 11.88
N GLY A 109 -11.61 10.46 10.66
CA GLY A 109 -10.49 11.19 10.10
C GLY A 109 -9.14 10.53 10.27
N GLN A 110 -9.01 9.60 11.20
CA GLN A 110 -7.76 8.87 11.42
C GLN A 110 -7.58 7.75 10.40
N THR A 111 -6.33 7.39 10.12
CA THR A 111 -5.99 6.37 9.13
C THR A 111 -5.41 5.14 9.81
N PHE A 112 -5.38 4.04 9.06
CA PHE A 112 -4.81 2.78 9.54
C PHE A 112 -4.57 1.85 8.35
N SER A 113 -3.75 0.82 8.59
CA SER A 113 -3.45 -0.20 7.58
C SER A 113 -4.38 -1.38 7.77
N VAL A 114 -4.83 -1.98 6.67
CA VAL A 114 -5.67 -3.17 6.71
C VAL A 114 -4.87 -4.33 6.13
N LEU A 115 -4.89 -5.48 6.82
CA LEU A 115 -4.31 -6.72 6.30
C LEU A 115 -5.43 -7.65 5.85
N ALA A 116 -5.70 -7.67 4.55
CA ALA A 116 -6.75 -8.53 4.00
C ALA A 116 -6.32 -10.00 4.00
N CYS A 117 -7.15 -10.86 4.59
CA CYS A 117 -6.83 -12.26 4.72
C CYS A 117 -8.00 -13.12 4.26
N TYR A 118 -7.69 -14.29 3.69
CA TYR A 118 -8.69 -15.30 3.37
C TYR A 118 -8.20 -16.67 3.82
N ASN A 119 -9.11 -17.43 4.45
CA ASN A 119 -8.82 -18.77 4.97
C ASN A 119 -7.59 -18.77 5.87
N GLY A 120 -7.47 -17.72 6.67
CA GLY A 120 -6.36 -17.59 7.59
C GLY A 120 -5.04 -17.21 6.96
N SER A 121 -5.02 -16.86 5.68
CA SER A 121 -3.78 -16.50 5.02
C SER A 121 -3.86 -15.09 4.45
N PRO A 122 -2.80 -14.30 4.58
CA PRO A 122 -2.86 -12.91 4.12
C PRO A 122 -2.79 -12.79 2.60
N SER A 123 -3.59 -11.87 2.07
CA SER A 123 -3.59 -11.57 0.64
C SER A 123 -2.88 -10.27 0.29
N GLY A 124 -2.96 -9.26 1.14
CA GLY A 124 -2.40 -7.95 0.80
C GLY A 124 -2.59 -6.98 1.94
N VAL A 125 -1.92 -5.84 1.83
CA VAL A 125 -2.00 -4.77 2.81
C VAL A 125 -2.23 -3.44 2.10
N TYR A 126 -3.10 -2.60 2.68
CA TYR A 126 -3.36 -1.27 2.15
C TYR A 126 -3.87 -0.35 3.26
N GLN A 127 -3.71 0.96 3.03
CA GLN A 127 -4.12 2.00 3.97
C GLN A 127 -5.53 2.49 3.71
N CYS A 128 -6.26 2.83 4.77
CA CYS A 128 -7.58 3.42 4.62
C CYS A 128 -7.84 4.43 5.72
N ALA A 129 -8.85 5.29 5.49
CA ALA A 129 -9.28 6.30 6.45
C ALA A 129 -10.68 5.98 6.95
N MET A 130 -10.92 6.27 8.22
CA MET A 130 -12.26 6.26 8.80
C MET A 130 -13.08 7.48 8.36
N ARG A 131 -14.11 7.26 7.54
CA ARG A 131 -14.88 8.36 6.99
C ARG A 131 -15.74 9.02 8.07
N PRO A 132 -16.11 10.28 7.88
CA PRO A 132 -16.99 10.96 8.86
C PRO A 132 -18.29 10.24 9.16
N ASN A 133 -18.82 9.44 8.23
CA ASN A 133 -20.04 8.67 8.45
C ASN A 133 -19.78 7.27 9.01
N PHE A 134 -18.57 7.01 9.50
CA PHE A 134 -18.20 5.77 10.20
C PHE A 134 -18.17 4.55 9.28
N THR A 135 -17.89 4.74 7.99
CA THR A 135 -17.60 3.64 7.09
C THR A 135 -16.14 3.73 6.65
N ILE A 136 -15.66 2.67 6.01
CA ILE A 136 -14.38 2.71 5.29
C ILE A 136 -14.57 2.21 3.87
N LYS A 137 -13.72 2.71 2.98
CA LYS A 137 -13.68 2.29 1.57
C LYS A 137 -12.54 1.29 1.39
N GLY A 138 -12.81 0.02 1.64
CA GLY A 138 -11.82 -1.02 1.52
C GLY A 138 -11.93 -1.82 0.24
N SER A 139 -11.33 -3.01 0.27
CA SER A 139 -11.45 -3.98 -0.81
C SER A 139 -11.58 -5.36 -0.16
N PHE A 140 -12.80 -5.89 -0.14
CA PHE A 140 -13.08 -7.09 0.64
C PHE A 140 -14.04 -8.00 -0.11
N LEU A 141 -13.71 -9.28 -0.22
CA LEU A 141 -14.58 -10.28 -0.82
C LEU A 141 -15.15 -11.17 0.27
N ASN A 142 -16.02 -12.09 -0.12
CA ASN A 142 -16.50 -13.11 0.80
C ASN A 142 -15.36 -13.98 1.31
N GLY A 143 -15.30 -14.16 2.62
CA GLY A 143 -14.20 -14.82 3.29
C GLY A 143 -13.31 -13.90 4.08
N SER A 144 -13.41 -12.58 3.86
CA SER A 144 -12.49 -11.62 4.45
C SER A 144 -12.84 -11.22 5.88
N ALA A 145 -14.04 -11.54 6.37
CA ALA A 145 -14.41 -11.18 7.73
C ALA A 145 -13.38 -11.66 8.73
N GLY A 146 -13.14 -10.83 9.74
CA GLY A 146 -12.10 -11.08 10.71
C GLY A 146 -10.75 -10.45 10.42
N SER A 147 -10.52 -9.97 9.20
CA SER A 147 -9.33 -9.16 8.93
C SER A 147 -9.31 -7.91 9.79
N VAL A 148 -8.10 -7.47 10.16
CA VAL A 148 -7.94 -6.40 11.14
C VAL A 148 -7.17 -5.22 10.58
N GLY A 149 -7.48 -4.04 11.12
CA GLY A 149 -6.74 -2.83 10.87
C GLY A 149 -5.88 -2.45 12.07
N PHE A 150 -4.74 -1.81 11.82
CA PHE A 150 -3.79 -1.58 12.89
C PHE A 150 -2.90 -0.38 12.57
N ASN A 151 -2.29 0.16 13.63
CA ASN A 151 -1.19 1.13 13.55
C ASN A 151 -0.01 0.59 14.35
N ILE A 152 1.18 1.08 14.03
CA ILE A 152 2.40 0.71 14.76
C ILE A 152 3.05 1.98 15.31
N ASP A 153 3.54 1.89 16.55
CA ASP A 153 4.33 2.95 17.18
C ASP A 153 5.56 2.28 17.79
N TYR A 154 6.70 2.39 17.11
CA TYR A 154 7.95 1.77 17.54
C TYR A 154 7.79 0.25 17.50
N ASP A 155 7.38 -0.33 18.63
CA ASP A 155 7.23 -1.77 18.75
C ASP A 155 5.82 -2.19 19.16
N CYS A 156 4.95 -1.25 19.47
CA CYS A 156 3.60 -1.53 19.96
C CYS A 156 2.61 -1.46 18.81
N VAL A 157 1.91 -2.55 18.56
CA VAL A 157 0.82 -2.60 17.58
C VAL A 157 -0.48 -2.17 18.26
N SER A 158 -1.13 -1.14 17.72
CA SER A 158 -2.46 -0.74 18.17
C SER A 158 -3.49 -1.29 17.19
N PHE A 159 -4.27 -2.28 17.63
CA PHE A 159 -5.38 -2.81 16.83
C PHE A 159 -6.61 -1.95 17.01
N CYS A 160 -7.22 -1.51 15.90
CA CYS A 160 -8.35 -0.60 15.98
C CYS A 160 -9.59 -1.02 15.22
N TYR A 161 -9.53 -2.05 14.37
CA TYR A 161 -10.64 -2.39 13.49
C TYR A 161 -10.64 -3.88 13.20
N MET A 162 -11.81 -4.51 13.31
CA MET A 162 -12.09 -5.84 12.81
C MET A 162 -13.22 -5.77 11.79
N HIS A 163 -13.02 -6.36 10.62
CA HIS A 163 -14.02 -6.32 9.56
C HIS A 163 -15.17 -7.30 9.78
N HIS A 164 -16.40 -6.84 9.46
CA HIS A 164 -17.60 -7.66 9.62
C HIS A 164 -18.50 -7.73 8.38
N MET A 165 -18.75 -6.61 7.70
CA MET A 165 -19.81 -6.63 6.69
C MET A 165 -19.61 -5.60 5.58
N GLU A 166 -20.35 -5.83 4.50
CA GLU A 166 -20.41 -5.00 3.30
C GLU A 166 -21.79 -4.35 3.19
N LEU A 167 -21.83 -3.08 2.82
CA LEU A 167 -23.12 -2.41 2.70
C LEU A 167 -23.53 -2.26 1.24
N PRO A 168 -24.85 -2.04 0.96
CA PRO A 168 -25.32 -1.86 -0.43
C PRO A 168 -24.49 -0.94 -1.33
N THR A 169 -24.04 0.20 -0.83
CA THR A 169 -23.31 1.14 -1.67
C THR A 169 -21.83 0.77 -1.81
N GLY A 170 -21.47 -0.42 -1.36
CA GLY A 170 -20.13 -0.96 -1.55
C GLY A 170 -19.15 -0.39 -0.56
N VAL A 171 -19.64 0.02 0.61
CA VAL A 171 -18.82 0.48 1.71
C VAL A 171 -18.80 -0.60 2.78
N HIS A 172 -17.95 -0.42 3.79
CA HIS A 172 -17.68 -1.51 4.71
C HIS A 172 -17.78 -1.02 6.15
N ALA A 173 -18.18 -1.93 7.03
CA ALA A 173 -18.50 -1.62 8.41
C ALA A 173 -17.95 -2.71 9.33
N GLY A 174 -17.51 -2.31 10.52
CA GLY A 174 -16.92 -3.23 11.47
C GLY A 174 -16.92 -2.69 12.88
N THR A 175 -16.10 -3.31 13.72
CA THR A 175 -16.10 -3.07 15.17
C THR A 175 -14.69 -2.72 15.61
N ASP A 176 -14.58 -2.25 16.86
CA ASP A 176 -13.30 -2.20 17.55
C ASP A 176 -12.99 -3.57 18.15
N LEU A 177 -11.81 -3.69 18.77
CA LEU A 177 -11.41 -5.00 19.25
C LEU A 177 -12.06 -5.34 20.58
N GLU A 178 -12.94 -4.48 21.09
CA GLU A 178 -13.78 -4.76 22.25
C GLU A 178 -15.18 -5.20 21.84
N GLY A 179 -15.49 -5.19 20.55
CA GLY A 179 -16.73 -5.69 20.02
C GLY A 179 -17.85 -4.67 19.88
N ASN A 180 -17.58 -3.39 20.07
CA ASN A 180 -18.56 -2.34 19.81
C ASN A 180 -18.47 -1.85 18.37
N PHE A 181 -19.61 -1.80 17.68
CA PHE A 181 -19.62 -1.36 16.29
C PHE A 181 -19.27 0.11 16.18
N TYR A 182 -18.54 0.47 15.14
CA TYR A 182 -18.43 1.86 14.73
C TYR A 182 -19.70 2.27 14.00
N GLY A 183 -20.31 3.38 14.41
CA GLY A 183 -21.54 3.83 13.79
C GLY A 183 -22.78 3.05 14.18
N PRO A 184 -23.91 3.44 13.59
CA PRO A 184 -25.21 2.86 13.96
C PRO A 184 -25.55 1.59 13.17
N PHE A 185 -24.68 0.59 13.24
CA PHE A 185 -24.85 -0.62 12.46
C PHE A 185 -25.02 -1.84 13.37
N VAL A 186 -25.60 -2.89 12.78
CA VAL A 186 -25.86 -4.15 13.47
C VAL A 186 -25.44 -5.29 12.55
N ASP A 187 -25.03 -6.41 13.14
CA ASP A 187 -24.59 -7.56 12.36
C ASP A 187 -25.79 -8.42 11.95
N ARG A 188 -26.55 -7.89 10.99
CA ARG A 188 -27.74 -8.54 10.47
C ARG A 188 -27.86 -8.19 8.99
N GLN A 189 -28.38 -9.14 8.21
CA GLN A 189 -28.66 -8.89 6.79
C GLN A 189 -30.00 -8.16 6.68
N THR A 190 -29.97 -6.89 7.07
CA THR A 190 -31.11 -6.01 7.03
C THR A 190 -30.80 -4.79 6.17
N ALA A 191 -31.82 -3.99 5.92
CA ALA A 191 -31.66 -2.71 5.22
C ALA A 191 -30.93 -1.72 6.11
N GLN A 192 -29.71 -1.35 5.72
CA GLN A 192 -28.96 -0.30 6.40
C GLN A 192 -28.26 0.56 5.37
N ALA A 193 -28.13 1.84 5.68
CA ALA A 193 -27.54 2.79 4.74
C ALA A 193 -26.57 3.74 5.44
N ALA A 194 -25.47 4.04 4.77
CA ALA A 194 -24.53 5.06 5.24
C ALA A 194 -25.14 6.44 5.10
N GLY A 195 -24.92 7.28 6.11
CA GLY A 195 -25.35 8.67 6.04
C GLY A 195 -24.47 9.51 5.14
N THR A 196 -24.91 10.76 4.94
CA THR A 196 -24.16 11.76 4.19
C THR A 196 -22.71 11.84 4.68
N ASP A 197 -21.79 11.71 3.73
CA ASP A 197 -20.36 11.81 4.02
C ASP A 197 -19.85 13.23 3.74
N THR A 198 -18.87 13.65 4.53
CA THR A 198 -18.24 14.95 4.37
C THR A 198 -16.75 14.80 4.09
N THR A 199 -16.14 15.89 3.64
CA THR A 199 -14.71 15.91 3.33
C THR A 199 -13.91 16.44 4.52
N ILE A 200 -12.90 15.69 4.94
CA ILE A 200 -12.03 16.04 6.05
C ILE A 200 -11.07 17.18 5.68
N THR A 201 -11.42 18.41 6.06
CA THR A 201 -10.68 19.60 5.63
C THR A 201 -9.22 19.56 6.08
N VAL A 202 -8.96 19.16 7.32
CA VAL A 202 -7.60 19.16 7.85
C VAL A 202 -6.70 18.23 7.04
N ASN A 203 -7.26 17.13 6.54
CA ASN A 203 -6.49 16.22 5.70
C ASN A 203 -6.16 16.84 4.36
N VAL A 204 -7.11 17.55 3.76
CA VAL A 204 -6.84 18.28 2.52
C VAL A 204 -5.71 19.30 2.74
N LEU A 205 -5.76 20.03 3.86
CA LEU A 205 -4.71 21.00 4.12
C LEU A 205 -3.35 20.32 4.29
N ALA A 206 -3.34 19.16 4.95
CA ALA A 206 -2.09 18.41 5.07
C ALA A 206 -1.56 18.02 3.70
N TRP A 207 -2.46 17.60 2.81
CA TRP A 207 -2.05 17.17 1.47
C TRP A 207 -1.51 18.35 0.64
N LEU A 208 -2.09 19.54 0.82
CA LEU A 208 -1.54 20.71 0.14
C LEU A 208 -0.16 21.08 0.69
N TYR A 209 0.05 20.90 2.00
CA TYR A 209 1.39 21.10 2.54
C TYR A 209 2.37 20.07 1.98
N ALA A 210 1.95 18.82 1.85
CA ALA A 210 2.78 17.82 1.19
C ALA A 210 3.17 18.26 -0.22
N ALA A 211 2.20 18.79 -0.97
CA ALA A 211 2.48 19.24 -2.33
C ALA A 211 3.50 20.36 -2.34
N VAL A 212 3.32 21.34 -1.46
CA VAL A 212 4.28 22.44 -1.36
C VAL A 212 5.67 21.91 -1.04
N ILE A 213 5.77 20.96 -0.11
CA ILE A 213 7.07 20.40 0.26
C ILE A 213 7.71 19.68 -0.93
N ASN A 214 6.90 19.04 -1.76
CA ASN A 214 7.40 18.39 -2.97
C ASN A 214 7.55 19.33 -4.17
N GLY A 215 7.38 20.64 -3.99
CA GLY A 215 7.64 21.60 -5.05
C GLY A 215 6.51 21.93 -6.00
N ASP A 216 5.27 21.52 -5.72
CA ASP A 216 4.10 21.89 -6.52
C ASP A 216 3.44 23.09 -5.86
N ARG A 217 3.79 24.31 -6.33
CA ARG A 217 3.35 25.53 -5.65
C ARG A 217 2.52 26.45 -6.54
N TRP A 218 1.97 25.95 -7.66
CA TRP A 218 1.25 26.83 -8.58
C TRP A 218 -0.04 27.40 -7.97
N PHE A 219 -0.63 26.72 -6.99
CA PHE A 219 -1.89 27.13 -6.40
C PHE A 219 -1.76 28.18 -5.30
N LEU A 220 -0.55 28.54 -4.90
CA LEU A 220 -0.36 29.55 -3.86
C LEU A 220 -0.76 30.93 -4.38
N ASN A 221 -1.73 31.56 -3.74
CA ASN A 221 -2.14 32.91 -4.08
C ASN A 221 -1.52 33.89 -3.08
N ARG A 222 -1.97 35.14 -3.12
CA ARG A 222 -1.42 36.19 -2.27
C ARG A 222 -2.41 36.70 -1.22
N PHE A 223 -3.60 36.12 -1.12
CA PHE A 223 -4.62 36.62 -0.22
C PHE A 223 -4.63 35.84 1.09
N THR A 224 -5.41 36.35 2.05
CA THR A 224 -5.71 35.66 3.29
C THR A 224 -7.21 35.64 3.52
N THR A 225 -7.62 34.92 4.57
CA THR A 225 -9.03 34.79 4.91
C THR A 225 -9.16 34.71 6.42
N THR A 226 -10.37 34.94 6.91
CA THR A 226 -10.72 34.67 8.30
C THR A 226 -11.27 33.25 8.44
N LEU A 227 -11.16 32.69 9.65
CA LEU A 227 -11.73 31.37 9.92
C LEU A 227 -13.24 31.33 9.65
N ASN A 228 -13.97 32.31 10.17
CA ASN A 228 -15.42 32.33 9.97
C ASN A 228 -15.77 32.48 8.49
N ASP A 229 -15.06 33.36 7.79
CA ASP A 229 -15.32 33.54 6.37
C ASP A 229 -14.98 32.28 5.60
N PHE A 230 -13.86 31.64 5.93
CA PHE A 230 -13.52 30.37 5.29
C PHE A 230 -14.64 29.35 5.50
N ASN A 231 -15.12 29.22 6.75
CA ASN A 231 -16.11 28.19 7.05
C ASN A 231 -17.44 28.48 6.38
N LEU A 232 -17.71 29.75 6.05
CA LEU A 232 -18.90 30.07 5.27
C LEU A 232 -18.82 29.45 3.87
N VAL A 233 -17.65 29.52 3.24
CA VAL A 233 -17.50 28.93 1.92
C VAL A 233 -17.47 27.42 2.03
N ALA A 234 -16.67 26.90 2.97
CA ALA A 234 -16.53 25.46 3.17
C ALA A 234 -17.89 24.78 3.33
N MET A 235 -18.80 25.38 4.09
CA MET A 235 -20.09 24.76 4.33
C MET A 235 -20.85 24.53 3.03
N LYS A 236 -20.76 25.46 2.08
CA LYS A 236 -21.45 25.31 0.81
C LYS A 236 -20.95 24.11 0.01
N TYR A 237 -19.67 23.74 0.12
CA TYR A 237 -19.13 22.64 -0.66
C TYR A 237 -19.03 21.34 0.13
N ASN A 238 -19.82 21.18 1.19
CA ASN A 238 -19.87 19.94 1.96
C ASN A 238 -18.52 19.61 2.59
N TYR A 239 -17.80 20.62 3.06
CA TYR A 239 -16.56 20.44 3.80
C TYR A 239 -16.84 20.55 5.30
N GLU A 240 -16.09 19.80 6.10
CA GLU A 240 -16.22 19.92 7.54
C GLU A 240 -15.71 21.27 8.05
N PRO A 241 -16.25 21.76 9.16
CA PRO A 241 -15.72 22.99 9.77
C PRO A 241 -14.29 22.82 10.27
N LEU A 242 -13.48 23.85 10.06
CA LEU A 242 -12.16 23.95 10.65
C LEU A 242 -12.21 24.61 12.01
N THR A 243 -11.66 23.93 13.02
CA THR A 243 -11.59 24.45 14.38
C THR A 243 -10.20 24.98 14.69
N GLN A 244 -10.10 25.75 15.78
CA GLN A 244 -8.82 26.29 16.22
C GLN A 244 -7.83 25.18 16.60
N ASP A 245 -8.37 24.05 17.09
CA ASP A 245 -7.51 22.91 17.38
C ASP A 245 -6.87 22.38 16.11
N HIS A 246 -7.62 22.33 15.02
CA HIS A 246 -7.06 21.87 13.75
C HIS A 246 -5.93 22.78 13.29
N VAL A 247 -6.11 24.09 13.38
CA VAL A 247 -5.04 25.02 13.00
C VAL A 247 -3.80 24.79 13.86
N ASP A 248 -4.00 24.52 15.16
CA ASP A 248 -2.84 24.24 16.01
C ASP A 248 -2.14 22.94 15.60
N ILE A 249 -2.91 21.90 15.24
CA ILE A 249 -2.31 20.65 14.81
C ILE A 249 -1.50 20.81 13.52
N LEU A 250 -1.87 21.76 12.67
CA LEU A 250 -1.13 22.02 11.44
C LEU A 250 0.11 22.89 11.65
N GLY A 251 0.38 23.31 12.88
CA GLY A 251 1.47 24.20 13.20
C GLY A 251 2.86 23.79 12.74
N PRO A 252 3.26 22.54 13.00
CA PRO A 252 4.59 22.11 12.57
C PRO A 252 4.81 22.18 11.07
N LEU A 253 3.82 21.77 10.28
CA LEU A 253 3.94 21.85 8.82
C LEU A 253 4.03 23.31 8.38
N SER A 254 3.23 24.18 8.98
CA SER A 254 3.28 25.61 8.67
C SER A 254 4.67 26.17 8.94
N ALA A 255 5.25 25.82 10.09
CA ALA A 255 6.58 26.31 10.43
C ALA A 255 7.61 25.77 9.45
N GLN A 256 7.53 24.48 9.13
CA GLN A 256 8.45 23.87 8.18
C GLN A 256 8.43 24.59 6.84
N THR A 257 7.25 24.90 6.32
CA THR A 257 7.15 25.48 4.99
C THR A 257 7.17 27.00 4.97
N GLY A 258 7.00 27.65 6.12
CA GLY A 258 6.92 29.10 6.17
C GLY A 258 5.64 29.70 5.65
N ILE A 259 4.60 28.89 5.42
CA ILE A 259 3.31 29.34 4.93
C ILE A 259 2.29 29.26 6.06
N ALA A 260 1.76 30.40 6.47
CA ALA A 260 0.73 30.42 7.50
C ALA A 260 -0.48 29.59 7.07
N VAL A 261 -1.15 29.01 8.07
CA VAL A 261 -2.32 28.16 7.82
C VAL A 261 -3.42 28.94 7.10
N LEU A 262 -3.64 30.20 7.49
CA LEU A 262 -4.70 31.00 6.89
C LEU A 262 -4.43 31.31 5.42
N ASP A 263 -3.17 31.34 5.01
CA ASP A 263 -2.86 31.47 3.58
C ASP A 263 -3.24 30.20 2.81
N MET A 264 -2.90 29.02 3.34
CA MET A 264 -3.38 27.79 2.73
C MET A 264 -4.90 27.76 2.68
N CYS A 265 -5.58 28.27 3.72
CA CYS A 265 -7.03 28.31 3.68
C CYS A 265 -7.53 29.17 2.52
N ALA A 266 -6.91 30.33 2.31
CA ALA A 266 -7.26 31.19 1.18
C ALA A 266 -7.04 30.48 -0.16
N SER A 267 -5.95 29.71 -0.26
CA SER A 267 -5.67 28.98 -1.49
C SER A 267 -6.66 27.84 -1.72
N LEU A 268 -7.04 27.13 -0.66
CA LEU A 268 -8.07 26.11 -0.80
C LEU A 268 -9.40 26.73 -1.22
N LYS A 269 -9.75 27.87 -0.62
CA LYS A 269 -10.97 28.57 -0.98
C LYS A 269 -10.99 28.90 -2.47
N GLU A 270 -9.86 29.37 -3.00
CA GLU A 270 -9.79 29.67 -4.42
C GLU A 270 -9.89 28.41 -5.28
N LEU A 271 -9.20 27.32 -4.88
CA LEU A 271 -9.36 26.05 -5.59
C LEU A 271 -10.81 25.58 -5.58
N LEU A 272 -11.52 25.79 -4.48
CA LEU A 272 -12.90 25.33 -4.38
C LEU A 272 -13.81 26.13 -5.29
N GLN A 273 -13.59 27.45 -5.37
CA GLN A 273 -14.49 28.27 -6.16
C GLN A 273 -14.19 28.25 -7.65
N ASN A 274 -12.95 27.91 -8.05
CA ASN A 274 -12.55 28.04 -9.44
C ASN A 274 -12.12 26.73 -10.10
N GLY A 275 -12.01 25.64 -9.35
CA GLY A 275 -11.53 24.40 -9.93
C GLY A 275 -10.04 24.38 -10.16
N MET A 276 -9.58 23.30 -10.82
CA MET A 276 -8.16 23.10 -11.06
C MET A 276 -7.73 23.47 -12.46
N ASN A 277 -8.67 23.80 -13.34
CA ASN A 277 -8.41 24.29 -14.70
C ASN A 277 -7.51 23.28 -15.43
N GLY A 278 -7.83 21.99 -15.26
CA GLY A 278 -7.10 20.93 -15.95
C GLY A 278 -5.76 20.53 -15.36
N ARG A 279 -5.26 21.26 -14.36
CA ARG A 279 -3.95 20.97 -13.79
C ARG A 279 -4.08 19.85 -12.74
N THR A 280 -2.94 19.30 -12.36
CA THR A 280 -2.89 18.27 -11.32
C THR A 280 -1.98 18.71 -10.19
N ILE A 281 -2.22 18.11 -9.02
CA ILE A 281 -1.38 18.26 -7.84
C ILE A 281 -0.95 16.88 -7.39
N LEU A 282 0.35 16.63 -7.36
CA LEU A 282 0.92 15.35 -6.94
C LEU A 282 0.41 14.20 -7.80
N GLY A 283 0.15 14.48 -9.08
CA GLY A 283 -0.36 13.49 -9.99
C GLY A 283 -1.85 13.25 -9.92
N SER A 284 -2.57 14.03 -9.13
CA SER A 284 -4.00 13.81 -8.90
C SER A 284 -4.80 14.99 -9.43
N ALA A 285 -5.94 14.69 -10.03
CA ALA A 285 -6.85 15.69 -10.58
C ALA A 285 -8.01 15.99 -9.63
N LEU A 286 -8.08 15.29 -8.51
CA LEU A 286 -9.05 15.58 -7.46
C LEU A 286 -8.30 15.90 -6.17
N LEU A 287 -8.96 16.60 -5.26
CA LEU A 287 -8.37 16.89 -3.96
C LEU A 287 -8.42 15.65 -3.07
N GLU A 288 -7.30 15.35 -2.43
CA GLU A 288 -7.15 14.15 -1.62
C GLU A 288 -7.33 14.47 -0.14
N ASP A 289 -8.11 13.65 0.56
CA ASP A 289 -8.44 13.87 1.97
C ASP A 289 -8.15 12.65 2.86
N GLU A 290 -7.25 11.76 2.45
CA GLU A 290 -6.93 10.59 3.25
C GLU A 290 -5.48 10.58 3.73
N PHE A 291 -4.88 11.76 3.93
CA PHE A 291 -3.60 11.88 4.63
C PHE A 291 -3.76 12.77 5.86
N THR A 292 -3.53 12.20 7.04
CA THR A 292 -3.48 13.00 8.25
C THR A 292 -2.18 13.80 8.27
N PRO A 293 -2.10 14.82 9.13
CA PRO A 293 -0.82 15.54 9.30
C PRO A 293 0.32 14.65 9.77
N PHE A 294 0.03 13.69 10.66
CA PHE A 294 1.06 12.76 11.09
C PHE A 294 1.55 11.88 9.95
N ASP A 295 0.65 11.42 9.08
CA ASP A 295 1.08 10.65 7.91
C ASP A 295 2.08 11.43 7.08
N VAL A 296 1.80 12.71 6.83
CA VAL A 296 2.70 13.54 6.02
C VAL A 296 4.04 13.70 6.71
N VAL A 297 4.03 14.03 8.01
CA VAL A 297 5.28 14.20 8.74
C VAL A 297 6.10 12.92 8.72
N ARG A 298 5.46 11.78 9.02
CA ARG A 298 6.15 10.49 9.01
C ARG A 298 6.76 10.18 7.65
N GLN A 299 6.00 10.34 6.57
CA GLN A 299 6.53 10.00 5.26
C GLN A 299 7.62 10.97 4.82
N CYS A 300 7.44 12.26 5.06
CA CYS A 300 8.39 13.26 4.62
C CYS A 300 9.62 13.35 5.53
N SER A 301 9.56 12.82 6.75
CA SER A 301 10.73 12.78 7.62
C SER A 301 11.34 11.41 7.79
N GLY A 302 10.68 10.34 7.31
CA GLY A 302 11.27 9.02 7.32
C GLY A 302 11.36 8.33 8.66
N VAL A 303 10.27 8.32 9.42
CA VAL A 303 10.25 7.61 10.69
C VAL A 303 10.22 6.10 10.45
N THR A 304 11.02 5.37 11.22
CA THR A 304 11.16 3.92 11.09
C THR A 304 10.70 3.23 12.37
N PHE A 305 10.58 1.90 12.30
CA PHE A 305 10.11 1.09 13.41
C PHE A 305 11.06 -0.06 13.67
N GLN A 306 11.28 -0.36 14.95
CA GLN A 306 12.22 -1.39 15.38
C GLN A 306 11.85 -2.77 14.88
N SER B 1 -18.26 -4.47 -3.68
CA SER B 1 -16.84 -4.70 -3.53
C SER B 1 -16.03 -3.41 -3.74
N GLY B 2 -14.72 -3.57 -3.89
CA GLY B 2 -13.81 -2.45 -3.82
C GLY B 2 -12.57 -2.71 -4.64
N PHE B 3 -11.82 -1.63 -4.89
CA PHE B 3 -10.60 -1.71 -5.67
C PHE B 3 -9.62 -0.69 -5.12
N ARG B 4 -8.46 -1.19 -4.67
CA ARG B 4 -7.43 -0.38 -4.03
C ARG B 4 -6.07 -0.82 -4.54
N LYS B 5 -5.08 0.08 -4.44
CA LYS B 5 -3.70 -0.28 -4.72
C LYS B 5 -3.14 -1.15 -3.59
N MET B 6 -2.91 -2.43 -3.85
CA MET B 6 -2.60 -3.42 -2.83
C MET B 6 -1.16 -3.90 -3.00
N ALA B 7 -0.40 -3.91 -1.91
CA ALA B 7 0.95 -4.46 -1.88
C ALA B 7 0.91 -5.90 -1.40
N PHE B 8 1.95 -6.67 -1.74
CA PHE B 8 2.07 -8.01 -1.18
C PHE B 8 2.32 -7.95 0.32
N PRO B 9 1.77 -8.91 1.06
CA PRO B 9 2.15 -9.07 2.47
C PRO B 9 3.64 -9.27 2.68
N SER B 10 4.19 -8.55 3.64
CA SER B 10 5.61 -8.47 3.88
C SER B 10 5.94 -9.37 5.08
N GLY B 11 7.14 -9.23 5.61
CA GLY B 11 7.63 -10.09 6.67
C GLY B 11 8.68 -11.07 6.22
N LYS B 12 8.46 -11.75 5.09
CA LYS B 12 9.48 -12.66 4.60
C LYS B 12 10.76 -11.92 4.25
N VAL B 13 10.60 -10.69 3.76
CA VAL B 13 11.73 -9.85 3.38
C VAL B 13 12.32 -9.08 4.57
N GLU B 14 11.47 -8.62 5.49
CA GLU B 14 11.96 -7.81 6.60
C GLU B 14 13.01 -8.57 7.42
N GLY B 15 12.84 -9.88 7.56
CA GLY B 15 13.81 -10.65 8.29
C GLY B 15 15.15 -10.76 7.60
N CYS B 16 15.27 -10.22 6.39
CA CYS B 16 16.48 -10.29 5.58
C CYS B 16 17.24 -8.98 5.52
N MET B 17 16.74 -7.91 6.12
CA MET B 17 17.30 -6.57 5.96
C MET B 17 18.37 -6.34 7.02
N VAL B 18 19.51 -5.79 6.61
CA VAL B 18 20.59 -5.47 7.55
C VAL B 18 21.13 -4.09 7.26
N GLN B 19 21.92 -3.59 8.19
CA GLN B 19 22.66 -2.33 8.04
C GLN B 19 24.11 -2.63 7.69
N VAL B 20 24.63 -1.93 6.69
CA VAL B 20 26.04 -2.02 6.30
C VAL B 20 26.68 -0.65 6.44
N THR B 21 27.77 -0.58 7.18
CA THR B 21 28.47 0.69 7.41
C THR B 21 29.93 0.53 7.01
N CYS B 22 30.42 1.47 6.19
CA CYS B 22 31.81 1.52 5.75
C CYS B 22 32.31 2.93 6.07
N GLY B 23 32.95 3.08 7.22
CA GLY B 23 33.38 4.41 7.66
C GLY B 23 32.19 5.23 8.05
N THR B 24 31.93 6.34 7.34
CA THR B 24 30.82 7.22 7.67
C THR B 24 29.59 6.94 6.82
N THR B 25 29.73 6.15 5.76
CA THR B 25 28.65 5.87 4.81
C THR B 25 27.84 4.68 5.31
N THR B 26 26.52 4.81 5.30
CA THR B 26 25.65 3.75 5.79
C THR B 26 24.50 3.57 4.81
N LEU B 27 24.12 2.31 4.59
CA LEU B 27 22.99 1.96 3.72
C LEU B 27 22.47 0.59 4.15
N ASN B 28 21.57 0.04 3.34
CA ASN B 28 20.90 -1.22 3.61
C ASN B 28 21.50 -2.38 2.82
N GLY B 29 21.40 -3.58 3.38
CA GLY B 29 21.80 -4.78 2.70
C GLY B 29 20.75 -5.87 2.83
N LEU B 30 20.86 -6.87 1.95
CA LEU B 30 19.95 -8.01 1.89
C LEU B 30 20.71 -9.28 2.26
N TRP B 31 20.35 -9.88 3.39
CA TRP B 31 21.05 -11.04 3.95
C TRP B 31 20.35 -12.34 3.56
N LEU B 32 20.93 -13.09 2.63
CA LEU B 32 20.39 -14.38 2.21
C LEU B 32 21.44 -15.46 2.39
N ASP B 33 21.10 -16.51 3.13
CA ASP B 33 22.07 -17.55 3.49
C ASP B 33 23.27 -16.89 4.15
N ASP B 34 24.47 -17.11 3.60
CA ASP B 34 25.68 -16.56 4.19
C ASP B 34 26.27 -15.43 3.34
N VAL B 35 25.44 -14.76 2.54
CA VAL B 35 25.89 -13.67 1.69
C VAL B 35 25.00 -12.45 1.94
N VAL B 36 25.62 -11.28 2.00
CA VAL B 36 24.91 -10.00 2.07
C VAL B 36 25.15 -9.21 0.79
N TYR B 37 24.06 -8.77 0.14
CA TYR B 37 24.12 -8.01 -1.11
C TYR B 37 23.85 -6.54 -0.81
N CYS B 38 24.70 -5.65 -1.32
CA CYS B 38 24.47 -4.23 -1.12
C CYS B 38 25.06 -3.43 -2.27
N PRO B 39 24.62 -2.19 -2.47
CA PRO B 39 25.21 -1.32 -3.51
C PRO B 39 26.69 -1.03 -3.29
N ARG B 40 27.46 -1.08 -4.38
CA ARG B 40 28.91 -0.93 -4.25
C ARG B 40 29.34 0.49 -3.92
N HIS B 41 28.49 1.50 -4.10
CA HIS B 41 28.90 2.85 -3.74
C HIS B 41 29.05 3.06 -2.24
N VAL B 42 28.78 2.05 -1.42
CA VAL B 42 29.03 2.16 0.01
C VAL B 42 30.51 2.35 0.32
N ILE B 43 31.41 1.92 -0.58
CA ILE B 43 32.84 2.05 -0.30
C ILE B 43 33.41 3.40 -0.75
N CYS B 44 32.57 4.30 -1.24
CA CYS B 44 32.97 5.63 -1.67
C CYS B 44 32.73 6.62 -0.54
N THR B 45 33.51 7.70 -0.53
CA THR B 45 33.18 8.86 0.29
C THR B 45 32.43 9.91 -0.54
N SER B 46 32.18 11.07 0.07
CA SER B 46 31.39 12.12 -0.58
C SER B 46 32.12 12.75 -1.76
N GLU B 47 33.45 12.80 -1.71
CA GLU B 47 34.20 13.34 -2.82
C GLU B 47 34.25 12.35 -3.97
N ASP B 48 34.25 11.06 -3.65
CA ASP B 48 34.35 9.99 -4.63
C ASP B 48 33.16 9.95 -5.59
N MET B 49 32.01 10.54 -5.24
CA MET B 49 30.82 10.34 -6.06
C MET B 49 30.96 10.91 -7.46
N LEU B 50 31.79 11.95 -7.62
CA LEU B 50 31.93 12.58 -8.93
C LEU B 50 32.48 11.62 -9.98
N ASN B 51 33.60 10.96 -9.67
CA ASN B 51 34.24 10.02 -10.58
C ASN B 51 34.94 8.92 -9.79
N PRO B 52 34.18 7.96 -9.27
CA PRO B 52 34.80 6.91 -8.45
C PRO B 52 35.40 5.80 -9.30
N ASN B 53 36.68 5.51 -9.06
CA ASN B 53 37.34 4.35 -9.65
C ASN B 53 37.15 3.20 -8.68
N TYR B 54 36.11 2.39 -8.92
CA TYR B 54 35.66 1.43 -7.91
C TYR B 54 36.71 0.34 -7.66
N GLU B 55 37.44 -0.07 -8.70
CA GLU B 55 38.46 -1.09 -8.52
C GLU B 55 39.54 -0.62 -7.55
N ASP B 56 40.02 0.62 -7.72
CA ASP B 56 41.06 1.13 -6.85
C ASP B 56 40.58 1.22 -5.41
N LEU B 57 39.35 1.69 -5.21
CA LEU B 57 38.83 1.86 -3.85
C LEU B 57 38.57 0.51 -3.19
N LEU B 58 38.15 -0.49 -3.95
CA LEU B 58 37.86 -1.79 -3.36
C LEU B 58 39.13 -2.59 -3.09
N ILE B 59 40.19 -2.36 -3.86
CA ILE B 59 41.45 -3.04 -3.58
C ILE B 59 41.97 -2.65 -2.19
N ARG B 60 41.71 -1.41 -1.76
CA ARG B 60 42.19 -0.91 -0.48
C ARG B 60 41.34 -1.31 0.72
N LYS B 61 40.25 -2.04 0.54
CA LYS B 61 39.38 -2.40 1.64
C LYS B 61 39.64 -3.84 2.10
N SER B 62 39.76 -4.01 3.41
CA SER B 62 39.83 -5.32 4.05
C SER B 62 38.49 -5.68 4.67
N ASN B 63 38.30 -6.99 4.90
CA ASN B 63 37.11 -7.53 5.53
C ASN B 63 36.66 -6.76 6.76
N HIS B 64 37.61 -6.30 7.59
CA HIS B 64 37.25 -5.68 8.86
C HIS B 64 36.69 -4.27 8.68
N ASN B 65 36.90 -3.65 7.52
CA ASN B 65 36.33 -2.32 7.24
C ASN B 65 34.81 -2.33 7.09
N PHE B 66 34.18 -3.49 6.98
CA PHE B 66 32.73 -3.59 6.80
C PHE B 66 32.05 -3.96 8.10
N LEU B 67 31.22 -3.06 8.62
CA LEU B 67 30.45 -3.30 9.83
C LEU B 67 29.03 -3.68 9.43
N VAL B 68 28.65 -4.92 9.67
CA VAL B 68 27.33 -5.44 9.32
C VAL B 68 26.58 -5.77 10.61
N GLN B 69 25.40 -5.18 10.78
CA GLN B 69 24.60 -5.35 11.98
C GLN B 69 23.19 -5.79 11.61
N ALA B 70 22.72 -6.87 12.23
CA ALA B 70 21.36 -7.34 12.09
C ALA B 70 20.68 -7.08 13.43
N GLY B 71 20.03 -5.92 13.53
CA GLY B 71 19.49 -5.50 14.80
C GLY B 71 20.61 -5.31 15.80
N ASN B 72 20.70 -6.20 16.77
CA ASN B 72 21.76 -6.17 17.77
C ASN B 72 22.95 -7.05 17.41
N VAL B 73 22.70 -8.14 16.67
CA VAL B 73 23.75 -9.10 16.34
C VAL B 73 24.70 -8.51 15.32
N GLN B 74 25.98 -8.40 15.69
CA GLN B 74 27.05 -8.13 14.73
C GLN B 74 27.49 -9.40 14.01
N LEU B 75 27.66 -9.30 12.69
CA LEU B 75 28.06 -10.42 11.84
C LEU B 75 29.48 -10.19 11.34
N ARG B 76 30.30 -11.22 11.40
CA ARG B 76 31.69 -11.13 10.97
C ARG B 76 31.79 -11.38 9.47
N VAL B 77 32.37 -10.43 8.74
CA VAL B 77 32.59 -10.56 7.31
C VAL B 77 33.89 -11.31 7.06
N ILE B 78 33.84 -12.34 6.22
CA ILE B 78 35.00 -13.18 5.95
C ILE B 78 35.36 -13.23 4.47
N GLY B 79 34.75 -12.38 3.66
CA GLY B 79 35.08 -12.31 2.25
C GLY B 79 34.19 -11.31 1.55
N HIS B 80 34.67 -10.84 0.41
CA HIS B 80 33.93 -9.87 -0.38
C HIS B 80 34.33 -9.94 -1.84
N SER B 81 33.34 -9.80 -2.73
CA SER B 81 33.61 -9.68 -4.16
C SER B 81 32.60 -8.70 -4.75
N MET B 82 32.93 -8.22 -5.94
CA MET B 82 32.07 -7.31 -6.71
C MET B 82 31.52 -8.00 -7.94
N GLN B 83 30.20 -7.96 -8.10
CA GLN B 83 29.52 -8.40 -9.32
C GLN B 83 28.81 -7.19 -9.92
N ASN B 84 29.29 -6.72 -11.07
CA ASN B 84 28.78 -5.51 -11.71
C ASN B 84 28.71 -4.36 -10.70
N CYS B 85 27.51 -3.86 -10.44
CA CYS B 85 27.30 -2.71 -9.56
C CYS B 85 26.88 -3.11 -8.15
N VAL B 86 26.97 -4.38 -7.79
CA VAL B 86 26.61 -4.84 -6.45
C VAL B 86 27.82 -5.46 -5.76
N LEU B 87 27.93 -5.21 -4.46
CA LEU B 87 28.88 -5.88 -3.58
C LEU B 87 28.27 -7.16 -3.01
N LYS B 88 29.10 -8.18 -2.81
CA LYS B 88 28.71 -9.40 -2.13
C LYS B 88 29.65 -9.66 -0.96
N LEU B 89 29.11 -9.58 0.26
CA LEU B 89 29.87 -9.81 1.48
C LEU B 89 29.54 -11.20 2.01
N LYS B 90 30.54 -12.07 2.00
CA LYS B 90 30.41 -13.37 2.64
C LYS B 90 30.50 -13.24 4.16
N VAL B 91 29.49 -13.74 4.87
CA VAL B 91 29.48 -13.68 6.33
C VAL B 91 29.50 -15.10 6.88
N ASP B 92 29.84 -15.21 8.17
CA ASP B 92 30.13 -16.50 8.78
C ASP B 92 28.92 -17.19 9.40
N THR B 93 27.72 -16.63 9.30
CA THR B 93 26.51 -17.31 9.72
C THR B 93 25.44 -17.19 8.65
N ALA B 94 24.76 -18.31 8.39
CA ALA B 94 23.63 -18.33 7.46
C ALA B 94 22.38 -17.81 8.15
N ASN B 95 21.58 -17.07 7.39
CA ASN B 95 20.37 -16.47 7.96
C ASN B 95 19.34 -17.56 8.21
N PRO B 96 18.92 -17.78 9.45
CA PRO B 96 17.92 -18.84 9.70
C PRO B 96 16.55 -18.54 9.13
N LYS B 97 16.22 -17.28 8.87
CA LYS B 97 14.93 -16.87 8.37
C LYS B 97 14.90 -16.71 6.85
N THR B 98 15.91 -17.23 6.15
CA THR B 98 16.00 -17.13 4.70
C THR B 98 14.80 -17.82 4.03
N PRO B 99 14.05 -17.13 3.18
CA PRO B 99 12.94 -17.77 2.48
C PRO B 99 13.38 -18.46 1.21
N LYS B 100 12.44 -19.19 0.60
CA LYS B 100 12.59 -19.64 -0.77
C LYS B 100 12.56 -18.43 -1.69
N TYR B 101 13.50 -18.34 -2.63
CA TYR B 101 13.64 -17.11 -3.39
C TYR B 101 14.19 -17.36 -4.78
N LYS B 102 13.89 -16.41 -5.67
CA LYS B 102 14.41 -16.36 -7.04
C LYS B 102 14.86 -14.94 -7.36
N PHE B 103 15.82 -14.81 -8.26
CA PHE B 103 16.16 -13.53 -8.90
C PHE B 103 15.55 -13.43 -10.29
N VAL B 104 14.80 -12.36 -10.56
CA VAL B 104 14.19 -12.12 -11.86
C VAL B 104 14.47 -10.70 -12.32
N ARG B 105 14.55 -10.51 -13.64
CA ARG B 105 14.61 -9.19 -14.27
C ARG B 105 13.27 -8.89 -14.95
N ILE B 106 12.55 -7.87 -14.46
CA ILE B 106 11.22 -7.59 -15.00
C ILE B 106 11.32 -6.71 -16.25
N GLN B 107 10.25 -6.73 -17.05
CA GLN B 107 9.95 -5.97 -18.26
C GLN B 107 9.22 -4.67 -17.90
N PRO B 108 9.40 -3.61 -18.68
CA PRO B 108 8.57 -2.41 -18.48
C PRO B 108 7.08 -2.72 -18.55
N GLY B 109 6.31 -2.02 -17.71
CA GLY B 109 4.91 -2.29 -17.55
C GLY B 109 4.54 -3.21 -16.41
N GLN B 110 5.49 -3.99 -15.89
CA GLN B 110 5.25 -4.88 -14.76
C GLN B 110 5.31 -4.12 -13.44
N THR B 111 4.59 -4.62 -12.43
CA THR B 111 4.50 -4.00 -11.12
C THR B 111 5.22 -4.83 -10.06
N PHE B 112 5.49 -4.20 -8.92
CA PHE B 112 6.13 -4.86 -7.78
C PHE B 112 5.94 -4.01 -6.53
N SER B 113 6.16 -4.64 -5.38
CA SER B 113 6.08 -3.98 -4.09
C SER B 113 7.47 -3.51 -3.66
N VAL B 114 7.55 -2.33 -3.04
CA VAL B 114 8.81 -1.81 -2.53
C VAL B 114 8.72 -1.78 -1.01
N LEU B 115 9.76 -2.25 -0.34
CA LEU B 115 9.90 -2.14 1.12
C LEU B 115 10.92 -1.06 1.44
N ALA B 116 10.44 0.14 1.76
CA ALA B 116 11.33 1.25 2.11
C ALA B 116 11.95 1.06 3.49
N CYS B 117 13.27 1.14 3.56
CA CYS B 117 13.99 0.90 4.81
C CYS B 117 15.00 2.03 5.05
N TYR B 118 15.22 2.35 6.33
CA TYR B 118 16.27 3.26 6.74
C TYR B 118 17.02 2.67 7.93
N ASN B 119 18.35 2.76 7.88
CA ASN B 119 19.24 2.24 8.92
C ASN B 119 18.94 0.77 9.24
N GLY B 120 18.64 0.01 8.19
CA GLY B 120 18.33 -1.40 8.35
C GLY B 120 16.96 -1.71 8.91
N SER B 121 16.10 -0.72 9.07
CA SER B 121 14.78 -0.95 9.62
C SER B 121 13.70 -0.52 8.64
N PRO B 122 12.63 -1.30 8.50
CA PRO B 122 11.60 -0.95 7.51
C PRO B 122 10.73 0.20 7.95
N SER B 123 10.40 1.07 7.00
CA SER B 123 9.50 2.19 7.23
C SER B 123 8.10 1.99 6.66
N GLY B 124 7.97 1.31 5.54
CA GLY B 124 6.67 1.17 4.89
C GLY B 124 6.79 0.34 3.63
N VAL B 125 5.63 -0.03 3.09
CA VAL B 125 5.54 -0.83 1.87
C VAL B 125 4.53 -0.18 0.93
N TYR B 126 4.85 -0.16 -0.36
CA TYR B 126 3.95 0.36 -1.39
C TYR B 126 4.27 -0.26 -2.74
N GLN B 127 3.28 -0.23 -3.62
CA GLN B 127 3.37 -0.79 -4.97
C GLN B 127 3.81 0.25 -6.00
N CYS B 128 4.60 -0.18 -6.98
CA CYS B 128 4.98 0.70 -8.07
C CYS B 128 5.09 -0.07 -9.38
N ALA B 129 5.10 0.67 -10.48
CA ALA B 129 5.24 0.12 -11.83
C ALA B 129 6.56 0.58 -12.44
N MET B 130 7.17 -0.31 -13.22
CA MET B 130 8.30 0.03 -14.07
C MET B 130 7.85 0.81 -15.31
N ARG B 131 8.22 2.10 -15.38
CA ARG B 131 7.76 2.94 -16.47
C ARG B 131 8.45 2.56 -17.78
N PRO B 132 7.83 2.89 -18.92
CA PRO B 132 8.47 2.59 -20.22
C PRO B 132 9.86 3.18 -20.41
N ASN B 133 10.19 4.27 -19.72
CA ASN B 133 11.53 4.86 -19.79
C ASN B 133 12.48 4.33 -18.72
N PHE B 134 12.13 3.22 -18.06
CA PHE B 134 13.00 2.51 -17.12
C PHE B 134 13.25 3.28 -15.83
N THR B 135 12.32 4.13 -15.42
CA THR B 135 12.34 4.73 -14.09
C THR B 135 11.16 4.21 -13.28
N ILE B 136 11.18 4.48 -11.98
CA ILE B 136 10.00 4.28 -11.13
C ILE B 136 9.69 5.55 -10.37
N LYS B 137 8.41 5.72 -10.05
CA LYS B 137 7.91 6.84 -9.24
C LYS B 137 7.72 6.36 -7.80
N GLY B 138 8.79 6.39 -7.01
CA GLY B 138 8.74 5.94 -5.64
C GLY B 138 8.65 7.07 -4.63
N SER B 139 9.00 6.74 -3.39
CA SER B 139 9.12 7.72 -2.31
C SER B 139 10.35 7.34 -1.49
N PHE B 140 11.45 8.08 -1.69
CA PHE B 140 12.73 7.68 -1.13
C PHE B 140 13.49 8.90 -0.64
N LEU B 141 14.00 8.84 0.58
CA LEU B 141 14.83 9.88 1.15
C LEU B 141 16.28 9.40 1.22
N ASN B 142 17.17 10.29 1.64
CA ASN B 142 18.55 9.88 1.92
C ASN B 142 18.60 8.84 3.02
N GLY B 143 19.34 7.75 2.76
CA GLY B 143 19.38 6.59 3.62
C GLY B 143 18.67 5.38 3.06
N SER B 144 17.83 5.56 2.04
CA SER B 144 16.98 4.50 1.53
C SER B 144 17.68 3.55 0.56
N ALA B 145 18.86 3.91 0.06
CA ALA B 145 19.57 3.04 -0.87
C ALA B 145 19.70 1.63 -0.30
N GLY B 146 19.59 0.63 -1.18
CA GLY B 146 19.58 -0.74 -0.78
C GLY B 146 18.22 -1.36 -0.51
N SER B 147 17.17 -0.56 -0.37
CA SER B 147 15.81 -1.09 -0.32
C SER B 147 15.48 -1.85 -1.60
N VAL B 148 14.64 -2.89 -1.47
CA VAL B 148 14.40 -3.81 -2.56
C VAL B 148 12.93 -3.89 -2.92
N GLY B 149 12.68 -4.20 -4.20
CA GLY B 149 11.36 -4.50 -4.72
C GLY B 149 11.21 -5.98 -4.98
N PHE B 150 10.00 -6.50 -4.84
CA PHE B 150 9.79 -7.95 -4.89
C PHE B 150 8.37 -8.27 -5.31
N ASN B 151 8.19 -9.51 -5.77
CA ASN B 151 6.89 -10.15 -5.96
C ASN B 151 6.88 -11.47 -5.21
N ILE B 152 5.68 -11.96 -4.90
CA ILE B 152 5.51 -13.25 -4.23
C ILE B 152 4.63 -14.15 -5.09
N ASP B 153 5.00 -15.42 -5.18
CA ASP B 153 4.20 -16.45 -5.84
C ASP B 153 4.14 -17.65 -4.88
N TYR B 154 3.01 -17.80 -4.18
CA TYR B 154 2.82 -18.86 -3.20
C TYR B 154 3.81 -18.67 -2.05
N ASP B 155 4.98 -19.28 -2.16
CA ASP B 155 6.00 -19.22 -1.13
C ASP B 155 7.33 -18.69 -1.63
N CYS B 156 7.46 -18.46 -2.94
CA CYS B 156 8.71 -18.02 -3.55
C CYS B 156 8.70 -16.51 -3.72
N VAL B 157 9.69 -15.84 -3.13
CA VAL B 157 9.89 -14.40 -3.31
C VAL B 157 10.79 -14.19 -4.53
N SER B 158 10.31 -13.42 -5.50
CA SER B 158 11.12 -13.00 -6.64
C SER B 158 11.61 -11.57 -6.41
N PHE B 159 12.91 -11.41 -6.15
CA PHE B 159 13.51 -10.10 -6.02
C PHE B 159 13.85 -9.53 -7.40
N CYS B 160 13.40 -8.30 -7.68
CA CYS B 160 13.60 -7.73 -9.01
C CYS B 160 14.25 -6.36 -9.03
N TYR B 161 14.42 -5.68 -7.90
CA TYR B 161 14.87 -4.29 -7.89
C TYR B 161 15.62 -3.99 -6.60
N MET B 162 16.78 -3.35 -6.74
CA MET B 162 17.53 -2.73 -5.65
C MET B 162 17.65 -1.24 -5.95
N HIS B 163 17.29 -0.39 -4.98
CA HIS B 163 17.34 1.06 -5.18
C HIS B 163 18.75 1.63 -5.05
N HIS B 164 19.07 2.60 -5.94
CA HIS B 164 20.38 3.24 -5.92
C HIS B 164 20.36 4.78 -5.91
N MET B 165 19.51 5.42 -6.70
CA MET B 165 19.67 6.85 -6.88
C MET B 165 18.38 7.59 -7.24
N GLU B 166 18.45 8.91 -7.07
CA GLU B 166 17.39 9.87 -7.37
C GLU B 166 17.81 10.74 -8.55
N LEU B 167 16.89 11.01 -9.47
CA LEU B 167 17.22 11.83 -10.63
C LEU B 167 16.65 13.23 -10.48
N PRO B 168 17.19 14.22 -11.25
CA PRO B 168 16.68 15.61 -11.19
C PRO B 168 15.17 15.79 -11.17
N THR B 169 14.44 15.08 -12.02
CA THR B 169 12.99 15.27 -12.11
C THR B 169 12.25 14.52 -11.01
N GLY B 170 12.97 14.00 -10.03
CA GLY B 170 12.38 13.38 -8.86
C GLY B 170 11.91 11.97 -9.13
N VAL B 171 12.55 11.31 -10.09
CA VAL B 171 12.30 9.90 -10.40
C VAL B 171 13.49 9.09 -9.89
N HIS B 172 13.36 7.78 -9.93
CA HIS B 172 14.30 6.92 -9.23
C HIS B 172 14.78 5.80 -10.15
N ALA B 173 16.02 5.38 -9.92
CA ALA B 173 16.73 4.44 -10.79
C ALA B 173 17.52 3.44 -9.95
N GLY B 174 17.59 2.21 -10.44
CA GLY B 174 18.25 1.14 -9.74
C GLY B 174 18.61 -0.02 -10.64
N THR B 175 18.93 -1.16 -10.02
CA THR B 175 19.47 -2.32 -10.70
C THR B 175 18.63 -3.54 -10.38
N ASP B 176 18.87 -4.63 -11.12
CA ASP B 176 18.40 -5.94 -10.72
C ASP B 176 19.35 -6.54 -9.68
N LEU B 177 19.01 -7.72 -9.19
CA LEU B 177 19.79 -8.29 -8.11
C LEU B 177 21.07 -8.94 -8.60
N GLU B 178 21.36 -8.87 -9.90
CA GLU B 178 22.62 -9.27 -10.48
C GLU B 178 23.56 -8.09 -10.69
N GLY B 179 23.09 -6.87 -10.43
CA GLY B 179 23.90 -5.69 -10.49
C GLY B 179 23.91 -4.94 -11.80
N ASN B 180 23.07 -5.31 -12.76
CA ASN B 180 22.93 -4.57 -14.01
C ASN B 180 21.85 -3.50 -13.88
N PHE B 181 22.17 -2.27 -14.26
CA PHE B 181 21.22 -1.18 -14.16
C PHE B 181 20.06 -1.37 -15.13
N TYR B 182 18.86 -0.98 -14.69
CA TYR B 182 17.76 -0.79 -15.62
C TYR B 182 17.94 0.54 -16.35
N GLY B 183 17.86 0.52 -17.67
CA GLY B 183 18.05 1.73 -18.44
C GLY B 183 19.48 2.20 -18.57
N PRO B 184 19.66 3.33 -19.26
CA PRO B 184 21.01 3.84 -19.57
C PRO B 184 21.58 4.74 -18.47
N PHE B 185 21.68 4.20 -17.26
CA PHE B 185 22.12 4.98 -16.11
C PHE B 185 23.41 4.43 -15.53
N VAL B 186 24.11 5.28 -14.78
CA VAL B 186 25.38 4.95 -14.14
C VAL B 186 25.32 5.49 -12.71
N ASP B 187 26.03 4.83 -11.80
CA ASP B 187 26.03 5.25 -10.39
C ASP B 187 27.07 6.35 -10.16
N ARG B 188 26.74 7.54 -10.65
CA ARG B 188 27.59 8.72 -10.54
C ARG B 188 26.70 9.94 -10.42
N GLN B 189 27.14 10.92 -9.64
CA GLN B 189 26.43 12.20 -9.57
C GLN B 189 26.81 13.07 -10.76
N THR B 190 26.28 12.67 -11.91
CA THR B 190 26.48 13.36 -13.18
C THR B 190 25.14 13.78 -13.74
N ALA B 191 25.18 14.56 -14.82
CA ALA B 191 23.98 14.95 -15.54
C ALA B 191 23.37 13.74 -16.26
N GLN B 192 22.20 13.31 -15.81
CA GLN B 192 21.45 12.25 -16.48
C GLN B 192 19.98 12.63 -16.48
N ALA B 193 19.27 12.22 -17.53
CA ALA B 193 17.87 12.58 -17.69
C ALA B 193 17.05 11.40 -18.19
N ALA B 194 15.84 11.27 -17.63
CA ALA B 194 14.89 10.28 -18.14
C ALA B 194 14.35 10.69 -19.50
N GLY B 195 14.22 9.71 -20.38
CA GLY B 195 13.61 9.95 -21.68
C GLY B 195 12.11 10.12 -21.62
N THR B 196 11.54 10.48 -22.77
CA THR B 196 10.09 10.58 -22.94
C THR B 196 9.38 9.33 -22.43
N ASP B 197 8.41 9.53 -21.54
CA ASP B 197 7.61 8.44 -21.00
C ASP B 197 6.30 8.30 -21.78
N THR B 198 5.83 7.05 -21.89
CA THR B 198 4.58 6.74 -22.57
C THR B 198 3.60 6.08 -21.60
N THR B 199 2.34 6.03 -22.00
CA THR B 199 1.28 5.41 -21.21
C THR B 199 1.07 3.96 -21.63
N ILE B 200 1.09 3.05 -20.66
CA ILE B 200 0.89 1.62 -20.89
C ILE B 200 -0.57 1.29 -21.19
N THR B 201 -0.90 1.16 -22.49
CA THR B 201 -2.29 1.00 -22.92
C THR B 201 -2.95 -0.23 -22.32
N VAL B 202 -2.25 -1.37 -22.30
CA VAL B 202 -2.85 -2.60 -21.80
C VAL B 202 -3.23 -2.47 -20.32
N ASN B 203 -2.47 -1.71 -19.55
CA ASN B 203 -2.81 -1.49 -18.15
C ASN B 203 -4.06 -0.61 -18.02
N VAL B 204 -4.20 0.41 -18.86
CA VAL B 204 -5.42 1.20 -18.88
C VAL B 204 -6.63 0.33 -19.21
N LEU B 205 -6.48 -0.58 -20.18
CA LEU B 205 -7.60 -1.45 -20.51
C LEU B 205 -7.94 -2.37 -19.34
N ALA B 206 -6.92 -2.85 -18.63
CA ALA B 206 -7.18 -3.66 -17.45
C ALA B 206 -7.96 -2.87 -16.42
N TRP B 207 -7.59 -1.60 -16.23
CA TRP B 207 -8.27 -0.76 -15.24
C TRP B 207 -9.72 -0.48 -15.63
N LEU B 208 -9.99 -0.32 -16.94
CA LEU B 208 -11.38 -0.16 -17.36
C LEU B 208 -12.18 -1.44 -17.14
N TYR B 209 -11.56 -2.60 -17.34
CA TYR B 209 -12.23 -3.85 -16.99
C TYR B 209 -12.51 -3.95 -15.49
N ALA B 210 -11.55 -3.53 -14.67
CA ALA B 210 -11.81 -3.46 -13.23
C ALA B 210 -13.01 -2.58 -12.92
N ALA B 211 -13.11 -1.43 -13.59
CA ALA B 211 -14.22 -0.51 -13.35
C ALA B 211 -15.54 -1.17 -13.72
N VAL B 212 -15.58 -1.83 -14.89
CA VAL B 212 -16.79 -2.54 -15.32
C VAL B 212 -17.17 -3.60 -14.29
N ILE B 213 -16.20 -4.36 -13.80
CA ILE B 213 -16.49 -5.41 -12.82
C ILE B 213 -17.05 -4.80 -11.53
N ASN B 214 -16.57 -3.62 -11.14
CA ASN B 214 -17.08 -2.91 -9.98
C ASN B 214 -18.33 -2.07 -10.25
N GLY B 215 -18.93 -2.18 -11.44
CA GLY B 215 -20.20 -1.52 -11.72
C GLY B 215 -20.15 -0.10 -12.24
N ASP B 216 -18.99 0.40 -12.65
CA ASP B 216 -18.87 1.72 -13.28
C ASP B 216 -18.88 1.50 -14.79
N ARG B 217 -20.06 1.62 -15.41
CA ARG B 217 -20.24 1.26 -16.81
C ARG B 217 -20.72 2.43 -17.68
N TRP B 218 -20.64 3.66 -17.18
CA TRP B 218 -21.19 4.80 -17.94
C TRP B 218 -20.43 5.08 -19.24
N PHE B 219 -19.16 4.69 -19.33
CA PHE B 219 -18.32 4.99 -20.49
C PHE B 219 -18.46 4.00 -21.63
N LEU B 220 -19.23 2.92 -21.47
CA LEU B 220 -19.42 1.96 -22.53
C LEU B 220 -20.27 2.54 -23.65
N ASN B 221 -19.72 2.60 -24.86
CA ASN B 221 -20.46 3.07 -26.02
C ASN B 221 -20.93 1.86 -26.85
N ARG B 222 -21.43 2.12 -28.05
CA ARG B 222 -21.97 1.09 -28.91
C ARG B 222 -21.12 0.81 -30.14
N PHE B 223 -19.97 1.46 -30.28
CA PHE B 223 -19.17 1.33 -31.49
C PHE B 223 -18.06 0.30 -31.29
N THR B 224 -17.41 -0.04 -32.40
CA THR B 224 -16.19 -0.85 -32.41
C THR B 224 -15.12 -0.13 -33.21
N THR B 225 -13.92 -0.70 -33.21
CA THR B 225 -12.79 -0.11 -33.91
C THR B 225 -11.91 -1.23 -34.46
N THR B 226 -11.06 -0.88 -35.41
CA THR B 226 -9.98 -1.75 -35.86
C THR B 226 -8.71 -1.49 -35.05
N LEU B 227 -7.85 -2.51 -34.99
CA LEU B 227 -6.57 -2.35 -34.32
C LEU B 227 -5.73 -1.24 -34.93
N ASN B 228 -5.61 -1.21 -36.27
CA ASN B 228 -4.80 -0.18 -36.91
C ASN B 228 -5.36 1.22 -36.67
N ASP B 229 -6.68 1.39 -36.77
CA ASP B 229 -7.28 2.70 -36.54
C ASP B 229 -7.10 3.13 -35.09
N PHE B 230 -7.31 2.18 -34.16
CA PHE B 230 -7.05 2.48 -32.76
C PHE B 230 -5.62 2.95 -32.56
N ASN B 231 -4.65 2.22 -33.12
CA ASN B 231 -3.26 2.61 -32.87
C ASN B 231 -2.93 3.93 -33.55
N LEU B 232 -3.67 4.27 -34.61
CA LEU B 232 -3.53 5.58 -35.24
C LEU B 232 -3.96 6.68 -34.27
N VAL B 233 -5.06 6.45 -33.54
CA VAL B 233 -5.49 7.46 -32.58
C VAL B 233 -4.56 7.47 -31.38
N ALA B 234 -4.26 6.30 -30.84
CA ALA B 234 -3.38 6.16 -29.67
C ALA B 234 -2.06 6.88 -29.86
N MET B 235 -1.44 6.74 -31.04
CA MET B 235 -0.14 7.35 -31.27
C MET B 235 -0.19 8.85 -31.10
N LYS B 236 -1.29 9.48 -31.51
CA LYS B 236 -1.43 10.93 -31.37
C LYS B 236 -1.44 11.38 -29.91
N TYR B 237 -1.96 10.56 -29.00
CA TYR B 237 -2.02 10.93 -27.59
C TYR B 237 -0.89 10.33 -26.76
N ASN B 238 0.22 9.95 -27.37
CA ASN B 238 1.40 9.43 -26.66
C ASN B 238 1.08 8.15 -25.88
N TYR B 239 0.25 7.30 -26.48
CA TYR B 239 -0.03 5.97 -25.95
C TYR B 239 0.81 4.93 -26.68
N GLU B 240 1.20 3.87 -25.97
CA GLU B 240 1.92 2.78 -26.60
C GLU B 240 1.04 2.01 -27.59
N PRO B 241 1.64 1.42 -28.62
CA PRO B 241 0.89 0.56 -29.53
C PRO B 241 0.36 -0.68 -28.83
N LEU B 242 -0.87 -1.05 -29.17
CA LEU B 242 -1.46 -2.32 -28.76
C LEU B 242 -1.13 -3.43 -29.77
N THR B 243 -0.55 -4.52 -29.27
CA THR B 243 -0.19 -5.67 -30.10
C THR B 243 -1.21 -6.79 -29.92
N GLN B 244 -1.17 -7.76 -30.84
CA GLN B 244 -2.05 -8.93 -30.75
C GLN B 244 -1.77 -9.76 -29.51
N ASP B 245 -0.51 -9.77 -29.04
CA ASP B 245 -0.19 -10.46 -27.79
C ASP B 245 -0.94 -9.82 -26.63
N HIS B 246 -0.99 -8.49 -26.61
CA HIS B 246 -1.72 -7.78 -25.56
C HIS B 246 -3.19 -8.14 -25.60
N VAL B 247 -3.76 -8.21 -26.80
CA VAL B 247 -5.15 -8.60 -26.97
C VAL B 247 -5.39 -10.00 -26.42
N ASP B 248 -4.46 -10.92 -26.64
CA ASP B 248 -4.61 -12.26 -26.08
C ASP B 248 -4.50 -12.25 -24.55
N ILE B 249 -3.59 -11.44 -23.99
CA ILE B 249 -3.46 -11.36 -22.53
C ILE B 249 -4.72 -10.84 -21.86
N LEU B 250 -5.49 -10.00 -22.54
CA LEU B 250 -6.74 -9.48 -21.96
C LEU B 250 -7.91 -10.44 -22.10
N GLY B 251 -7.70 -11.61 -22.70
CA GLY B 251 -8.75 -12.57 -22.95
C GLY B 251 -9.59 -13.01 -21.76
N PRO B 252 -8.95 -13.40 -20.65
CA PRO B 252 -9.73 -13.84 -19.48
C PRO B 252 -10.66 -12.78 -18.93
N LEU B 253 -10.21 -11.53 -18.85
CA LEU B 253 -11.08 -10.44 -18.39
C LEU B 253 -12.25 -10.24 -19.34
N SER B 254 -11.97 -10.28 -20.65
CA SER B 254 -13.02 -10.15 -21.64
C SER B 254 -14.07 -11.24 -21.47
N ALA B 255 -13.62 -12.48 -21.28
CA ALA B 255 -14.56 -13.59 -21.10
C ALA B 255 -15.38 -13.40 -19.83
N GLN B 256 -14.71 -13.02 -18.73
CA GLN B 256 -15.40 -12.77 -17.47
C GLN B 256 -16.52 -11.74 -17.63
N THR B 257 -16.22 -10.63 -18.32
CA THR B 257 -17.18 -9.54 -18.40
C THR B 257 -18.11 -9.63 -19.61
N GLY B 258 -17.81 -10.49 -20.58
CA GLY B 258 -18.61 -10.54 -21.79
C GLY B 258 -18.44 -9.38 -22.73
N ILE B 259 -17.42 -8.55 -22.52
CA ILE B 259 -17.13 -7.39 -23.37
C ILE B 259 -15.89 -7.68 -24.20
N ALA B 260 -16.06 -7.73 -25.52
CA ALA B 260 -14.92 -7.91 -26.40
C ALA B 260 -13.89 -6.80 -26.20
N VAL B 261 -12.62 -7.15 -26.41
CA VAL B 261 -11.52 -6.21 -26.25
C VAL B 261 -11.67 -5.00 -27.16
N LEU B 262 -12.09 -5.23 -28.40
CA LEU B 262 -12.22 -4.14 -29.37
C LEU B 262 -13.31 -3.13 -29.00
N ASP B 263 -14.32 -3.57 -28.25
CA ASP B 263 -15.30 -2.62 -27.73
C ASP B 263 -14.69 -1.72 -26.65
N MET B 264 -13.93 -2.30 -25.72
CA MET B 264 -13.18 -1.47 -24.78
C MET B 264 -12.24 -0.51 -25.51
N CYS B 265 -11.62 -0.97 -26.60
CA CYS B 265 -10.76 -0.06 -27.37
C CYS B 265 -11.54 1.12 -27.93
N ALA B 266 -12.73 0.86 -28.47
CA ALA B 266 -13.58 1.95 -28.95
C ALA B 266 -13.97 2.91 -27.83
N SER B 267 -14.24 2.38 -26.63
CA SER B 267 -14.60 3.23 -25.51
C SER B 267 -13.43 4.06 -25.03
N LEU B 268 -12.23 3.47 -25.00
CA LEU B 268 -11.04 4.24 -24.65
C LEU B 268 -10.78 5.34 -25.67
N LYS B 269 -10.93 5.02 -26.96
CA LYS B 269 -10.77 6.05 -27.99
C LYS B 269 -11.71 7.21 -27.77
N GLU B 270 -12.96 6.92 -27.41
CA GLU B 270 -13.92 7.99 -27.15
C GLU B 270 -13.54 8.81 -25.92
N LEU B 271 -13.11 8.13 -24.84
CA LEU B 271 -12.61 8.86 -23.67
C LEU B 271 -11.42 9.74 -24.02
N LEU B 272 -10.54 9.27 -24.91
CA LEU B 272 -9.36 10.04 -25.25
C LEU B 272 -9.73 11.29 -26.05
N GLN B 273 -10.68 11.16 -26.97
CA GLN B 273 -11.01 12.30 -27.82
C GLN B 273 -11.94 13.30 -27.15
N ASN B 274 -12.71 12.88 -26.14
CA ASN B 274 -13.76 13.71 -25.57
C ASN B 274 -13.57 14.05 -24.09
N GLY B 275 -12.60 13.45 -23.41
CA GLY B 275 -12.45 13.69 -21.98
C GLY B 275 -13.49 12.96 -21.14
N MET B 276 -13.47 13.26 -19.84
CA MET B 276 -14.35 12.60 -18.90
C MET B 276 -15.57 13.44 -18.53
N ASN B 277 -15.62 14.69 -18.98
CA ASN B 277 -16.77 15.57 -18.79
C ASN B 277 -17.18 15.69 -17.33
N GLY B 278 -16.17 15.83 -16.46
CA GLY B 278 -16.42 15.99 -15.04
C GLY B 278 -16.69 14.72 -14.27
N ARG B 279 -16.83 13.59 -14.95
CA ARG B 279 -17.13 12.32 -14.31
C ARG B 279 -15.86 11.68 -13.75
N THR B 280 -16.04 10.71 -12.87
CA THR B 280 -14.92 9.94 -12.33
C THR B 280 -15.13 8.46 -12.61
N ILE B 281 -14.02 7.72 -12.61
CA ILE B 281 -14.02 6.27 -12.70
C ILE B 281 -13.23 5.72 -11.52
N LEU B 282 -13.89 4.91 -10.68
CA LEU B 282 -13.27 4.30 -9.51
C LEU B 282 -12.70 5.36 -8.56
N GLY B 283 -13.36 6.52 -8.49
CA GLY B 283 -12.91 7.60 -7.65
C GLY B 283 -11.79 8.44 -8.23
N SER B 284 -11.40 8.19 -9.47
CA SER B 284 -10.28 8.87 -10.10
C SER B 284 -10.75 9.72 -11.26
N ALA B 285 -10.15 10.90 -11.40
CA ALA B 285 -10.45 11.83 -12.48
C ALA B 285 -9.44 11.76 -13.61
N LEU B 286 -8.40 10.93 -13.47
CA LEU B 286 -7.45 10.65 -14.52
C LEU B 286 -7.47 9.15 -14.82
N LEU B 287 -7.02 8.80 -16.03
CA LEU B 287 -6.90 7.39 -16.39
C LEU B 287 -5.69 6.77 -15.72
N GLU B 288 -5.87 5.60 -15.13
CA GLU B 288 -4.83 4.92 -14.37
C GLU B 288 -4.19 3.82 -15.19
N ASP B 289 -2.85 3.78 -15.17
CA ASP B 289 -2.07 2.84 -15.97
C ASP B 289 -1.08 2.01 -15.16
N GLU B 290 -1.31 1.84 -13.86
CA GLU B 290 -0.41 1.06 -13.02
C GLU B 290 -1.06 -0.19 -12.44
N PHE B 291 -2.04 -0.77 -13.15
CA PHE B 291 -2.56 -2.09 -12.84
C PHE B 291 -2.38 -3.02 -14.03
N THR B 292 -1.58 -4.08 -13.85
CA THR B 292 -1.48 -5.12 -14.86
C THR B 292 -2.76 -5.95 -14.85
N PRO B 293 -2.99 -6.74 -15.91
CA PRO B 293 -4.13 -7.67 -15.89
C PRO B 293 -4.08 -8.68 -14.76
N PHE B 294 -2.88 -9.17 -14.42
CA PHE B 294 -2.74 -10.09 -13.31
C PHE B 294 -3.13 -9.43 -11.99
N ASP B 295 -2.72 -8.17 -11.79
CA ASP B 295 -3.11 -7.45 -10.58
C ASP B 295 -4.62 -7.44 -10.41
N VAL B 296 -5.34 -7.14 -11.50
CA VAL B 296 -6.80 -7.07 -11.45
C VAL B 296 -7.38 -8.45 -11.13
N VAL B 297 -6.92 -9.49 -11.82
CA VAL B 297 -7.43 -10.83 -11.57
C VAL B 297 -7.18 -11.23 -10.11
N ARG B 298 -5.96 -11.00 -9.63
CA ARG B 298 -5.60 -11.31 -8.25
C ARG B 298 -6.51 -10.62 -7.24
N GLN B 299 -6.71 -9.30 -7.40
CA GLN B 299 -7.49 -8.57 -6.42
C GLN B 299 -8.97 -8.94 -6.50
N CYS B 300 -9.50 -9.10 -7.71
CA CYS B 300 -10.92 -9.38 -7.88
C CYS B 300 -11.26 -10.85 -7.64
N SER B 301 -10.28 -11.74 -7.65
CA SER B 301 -10.53 -13.14 -7.34
C SER B 301 -9.99 -13.58 -5.97
N GLY B 302 -9.19 -12.74 -5.30
CA GLY B 302 -8.75 -13.04 -3.96
C GLY B 302 -7.71 -14.14 -3.81
N VAL B 303 -6.64 -14.08 -4.59
CA VAL B 303 -5.56 -15.06 -4.45
C VAL B 303 -4.76 -14.77 -3.18
N THR B 304 -4.43 -15.83 -2.46
CA THR B 304 -3.72 -15.76 -1.19
C THR B 304 -2.37 -16.46 -1.29
N PHE B 305 -1.54 -16.27 -0.26
CA PHE B 305 -0.20 -16.86 -0.22
C PHE B 305 0.02 -17.58 1.11
N GLN B 306 0.71 -18.71 1.02
CA GLN B 306 0.96 -19.57 2.17
C GLN B 306 1.74 -18.85 3.27
N ALA C 389 -32.24 -3.09 -0.63
CA ALA C 389 -31.01 -3.86 -0.72
C ALA C 389 -30.51 -4.22 0.67
N THR C 390 -30.34 -5.52 0.91
CA THR C 390 -29.92 -6.00 2.21
C THR C 390 -28.40 -6.08 2.31
N VAL C 391 -27.91 -6.15 3.53
CA VAL C 391 -26.48 -6.28 3.80
C VAL C 391 -26.04 -7.71 3.54
N ARG C 392 -24.78 -7.87 3.10
CA ARG C 392 -24.14 -9.16 2.93
C ARG C 392 -23.07 -9.29 4.02
N LEU C 393 -23.27 -10.22 4.94
CA LEU C 393 -22.25 -10.56 5.93
C LEU C 393 -21.19 -11.42 5.25
N GLN C 394 -19.94 -10.99 5.29
CA GLN C 394 -18.89 -11.58 4.45
C GLN C 394 -18.15 -12.70 5.19
N ALA C 395 -18.90 -13.76 5.49
CA ALA C 395 -18.32 -14.99 6.00
C ALA C 395 -18.13 -16.02 4.89
N GLY C 396 -17.29 -17.00 5.17
CA GLY C 396 -17.01 -18.07 4.22
C GLY C 396 -18.07 -19.15 4.25
N ASN C 397 -17.87 -20.15 3.39
CA ASN C 397 -18.79 -21.27 3.26
C ASN C 397 -18.00 -22.57 3.14
N ALA C 398 -16.99 -22.74 3.99
CA ALA C 398 -16.17 -23.94 3.98
C ALA C 398 -15.96 -24.47 5.40
N ALA D 389 21.55 20.00 -13.58
CA ALA D 389 21.19 19.40 -12.31
C ALA D 389 21.82 18.02 -12.17
N THR D 390 22.67 17.86 -11.17
CA THR D 390 23.37 16.59 -10.98
C THR D 390 22.50 15.60 -10.21
N VAL D 391 22.83 14.32 -10.39
CA VAL D 391 22.15 13.26 -9.64
C VAL D 391 22.59 13.30 -8.18
N ARG D 392 21.69 12.87 -7.30
CA ARG D 392 22.01 12.66 -5.89
C ARG D 392 21.98 11.15 -5.62
N LEU D 393 23.13 10.59 -5.26
CA LEU D 393 23.18 9.18 -4.86
C LEU D 393 22.70 9.09 -3.42
N GLN D 394 21.66 8.30 -3.18
CA GLN D 394 20.94 8.35 -1.91
C GLN D 394 21.50 7.39 -0.86
N ALA D 395 22.79 7.51 -0.58
CA ALA D 395 23.36 6.85 0.58
C ALA D 395 23.21 7.75 1.80
N GLY D 396 23.28 7.12 2.98
CA GLY D 396 23.11 7.81 4.24
C GLY D 396 24.41 8.16 4.90
N ASN D 397 24.34 8.38 6.22
CA ASN D 397 25.51 8.66 7.04
C ASN D 397 25.45 7.81 8.30
N ALA D 398 26.62 7.55 8.87
CA ALA D 398 26.71 6.75 10.09
C ALA D 398 26.18 7.51 11.29
#